data_5YO8
#
_entry.id   5YO8
#
_cell.length_a   53.350
_cell.length_b   151.670
_cell.length_c   53.840
_cell.angle_alpha   90.00
_cell.angle_beta   110.03
_cell.angle_gamma   90.00
#
_symmetry.space_group_name_H-M   'P 1 21 1'
#
loop_
_entity.id
_entity.type
_entity.pdbx_description
1 polymer 'Tetraprenyl-beta-curcumene synthase'
2 water water
#
_entity_poly.entity_id   1
_entity_poly.type   'polypeptide(L)'
_entity_poly.pdbx_seq_one_letter_code
;GSHMKVPTQPIPLMMNIFRDVLPTVHRYYDQWKERAKSIPDPELRAQALDALERKEFHCEGGGIYGLLARDRFDELIQFI
IAYQIMCDYLDNLCDQSDYLDPKDFRSLHNALLAALTPGEPLVNYYQYRIEQEDGGYLHELIETCQHILVTFPSFRMVQE
NMLELSQLYGDLQVHKHVVKEERIPRLEAWFNEHKEKMPEMTWFEFSACTGSTLGVYTLATYATKEGLTSEQADVIKAGY
FPWVQGVHLLLDYFIDQEEDIADDELNFLFYYENEEQMIERFQYFVQKAEESLSTLPDPKFHRHIWRGIIAIYLSDEKVQ
KNKELKKKSKQMIKMGGLPSLLFYLNSWIYRRDK
;
_entity_poly.pdbx_strand_id   A,B
#
# COMPACT_ATOMS: atom_id res chain seq x y z
N MET A 4 0.75 -21.13 16.11
CA MET A 4 -0.62 -21.54 16.50
C MET A 4 -1.55 -20.34 16.59
N LYS A 5 -1.17 -19.34 17.39
CA LYS A 5 -2.02 -18.18 17.66
C LYS A 5 -2.14 -17.28 16.42
N VAL A 6 -3.31 -16.65 16.28
CA VAL A 6 -3.54 -15.67 15.20
C VAL A 6 -2.51 -14.54 15.31
N PRO A 7 -1.99 -14.05 14.17
CA PRO A 7 -1.07 -12.92 14.27
C PRO A 7 -1.78 -11.66 14.78
N THR A 8 -1.19 -11.00 15.77
CA THR A 8 -1.72 -9.74 16.31
C THR A 8 -0.74 -8.56 16.26
N GLN A 9 0.45 -8.77 15.70
CA GLN A 9 1.38 -7.69 15.40
C GLN A 9 1.15 -7.26 13.96
N PRO A 10 1.22 -5.94 13.66
CA PRO A 10 0.90 -5.41 12.34
C PRO A 10 1.61 -6.06 11.15
N ILE A 11 2.93 -6.29 11.26
CA ILE A 11 3.69 -6.82 10.13
C ILE A 11 3.24 -8.23 9.73
N PRO A 12 3.25 -9.21 10.66
CA PRO A 12 2.78 -10.54 10.27
C PRO A 12 1.29 -10.60 9.92
N LEU A 13 0.46 -9.80 10.60
CA LEU A 13 -0.97 -9.72 10.28
C LEU A 13 -1.18 -9.24 8.85
N MET A 14 -0.58 -8.10 8.51
CA MET A 14 -0.69 -7.57 7.15
C MET A 14 -0.10 -8.53 6.12
N MET A 15 1.04 -9.13 6.45
CA MET A 15 1.64 -10.10 5.54
C MET A 15 0.66 -11.25 5.24
N ASN A 16 0.02 -11.80 6.27
N ASN A 16 0.03 -11.80 6.28
CA ASN A 16 -0.93 -12.90 6.07
CA ASN A 16 -0.96 -12.88 6.13
C ASN A 16 -2.17 -12.48 5.28
C ASN A 16 -2.15 -12.46 5.26
N ILE A 17 -2.64 -11.25 5.51
CA ILE A 17 -3.75 -10.69 4.71
C ILE A 17 -3.40 -10.64 3.21
N PHE A 18 -2.22 -10.14 2.86
CA PHE A 18 -1.83 -10.03 1.44
C PHE A 18 -1.40 -11.35 0.80
N ARG A 19 -0.74 -12.23 1.56
CA ARG A 19 -0.31 -13.52 1.02
C ARG A 19 -1.46 -14.54 0.93
N ASP A 20 -2.27 -14.65 1.99
CA ASP A 20 -3.23 -15.75 2.14
C ASP A 20 -4.70 -15.31 1.95
N VAL A 21 -5.12 -14.29 2.69
CA VAL A 21 -6.52 -13.89 2.71
C VAL A 21 -6.98 -13.34 1.35
N LEU A 22 -6.30 -12.33 0.83
CA LEU A 22 -6.81 -11.68 -0.38
C LEU A 22 -6.82 -12.60 -1.61
N PRO A 23 -5.74 -13.36 -1.85
CA PRO A 23 -5.78 -14.29 -2.99
C PRO A 23 -6.84 -15.39 -2.85
N THR A 24 -7.08 -15.85 -1.62
CA THR A 24 -8.06 -16.91 -1.36
C THR A 24 -9.49 -16.37 -1.55
N VAL A 25 -9.76 -15.18 -0.99
CA VAL A 25 -11.03 -14.49 -1.23
C VAL A 25 -11.29 -14.35 -2.72
N HIS A 26 -10.30 -13.87 -3.45
CA HIS A 26 -10.49 -13.63 -4.88
C HIS A 26 -10.59 -14.88 -5.74
N ARG A 27 -10.00 -15.99 -5.30
CA ARG A 27 -10.18 -17.28 -5.99
C ARG A 27 -11.66 -17.64 -6.07
N TYR A 28 -12.33 -17.57 -4.93
CA TYR A 28 -13.75 -17.90 -4.86
C TYR A 28 -14.64 -16.80 -5.44
N TYR A 29 -14.29 -15.55 -5.16
CA TYR A 29 -15.02 -14.41 -5.74
C TYR A 29 -15.08 -14.48 -7.28
N ASP A 30 -13.92 -14.75 -7.88
CA ASP A 30 -13.83 -14.82 -9.34
C ASP A 30 -14.63 -15.98 -9.93
N GLN A 31 -14.73 -17.09 -9.20
CA GLN A 31 -15.60 -18.21 -9.59
C GLN A 31 -17.07 -17.77 -9.66
N TRP A 32 -17.51 -17.02 -8.66
CA TRP A 32 -18.88 -16.48 -8.64
C TRP A 32 -19.11 -15.48 -9.77
N LYS A 33 -18.10 -14.69 -10.10
CA LYS A 33 -18.17 -13.77 -11.25
C LYS A 33 -18.51 -14.52 -12.53
N GLU A 34 -17.80 -15.61 -12.77
CA GLU A 34 -18.06 -16.46 -13.94
C GLU A 34 -19.47 -17.06 -13.95
N ARG A 35 -19.94 -17.56 -12.80
CA ARG A 35 -21.33 -18.07 -12.70
C ARG A 35 -22.36 -17.00 -12.97
N ALA A 36 -22.12 -15.79 -12.46
CA ALA A 36 -23.05 -14.69 -12.64
C ALA A 36 -23.23 -14.31 -14.11
N LYS A 37 -22.16 -14.39 -14.90
CA LYS A 37 -22.25 -14.11 -16.35
C LYS A 37 -23.23 -15.04 -17.09
N SER A 38 -23.39 -16.27 -16.57
CA SER A 38 -24.31 -17.28 -17.12
C SER A 38 -25.78 -17.11 -16.72
N ILE A 39 -26.10 -16.16 -15.82
CA ILE A 39 -27.47 -15.93 -15.39
C ILE A 39 -28.35 -15.60 -16.61
N PRO A 40 -29.42 -16.40 -16.85
CA PRO A 40 -30.25 -16.18 -18.06
C PRO A 40 -30.99 -14.85 -18.12
N ASP A 41 -31.65 -14.45 -17.03
CA ASP A 41 -32.44 -13.22 -17.04
C ASP A 41 -31.50 -12.03 -17.09
N PRO A 42 -31.64 -11.15 -18.10
CA PRO A 42 -30.67 -10.07 -18.24
C PRO A 42 -30.66 -9.04 -17.09
N GLU A 43 -31.80 -8.85 -16.42
CA GLU A 43 -31.89 -7.92 -15.30
C GLU A 43 -31.24 -8.51 -14.06
N LEU A 44 -31.57 -9.76 -13.72
CA LEU A 44 -30.90 -10.43 -12.61
C LEU A 44 -29.38 -10.49 -12.85
N ARG A 45 -29.00 -10.87 -14.08
CA ARG A 45 -27.60 -10.94 -14.46
C ARG A 45 -26.86 -9.61 -14.25
N ALA A 46 -27.47 -8.51 -14.71
CA ALA A 46 -26.88 -7.19 -14.53
C ALA A 46 -26.72 -6.81 -13.06
N GLN A 47 -27.71 -7.13 -12.24
CA GLN A 47 -27.65 -6.77 -10.82
C GLN A 47 -26.60 -7.62 -10.10
N ALA A 48 -26.49 -8.90 -10.45
CA ALA A 48 -25.45 -9.77 -9.89
C ALA A 48 -24.04 -9.27 -10.25
N LEU A 49 -23.83 -8.99 -11.53
CA LEU A 49 -22.51 -8.53 -11.99
C LEU A 49 -22.13 -7.17 -11.40
N ASP A 50 -23.11 -6.27 -11.27
CA ASP A 50 -22.86 -4.94 -10.70
C ASP A 50 -22.41 -5.04 -9.25
N ALA A 51 -23.14 -5.84 -8.48
CA ALA A 51 -22.76 -6.08 -7.09
C ALA A 51 -21.33 -6.65 -6.98
N LEU A 52 -21.01 -7.61 -7.85
CA LEU A 52 -19.67 -8.20 -7.88
C LEU A 52 -18.57 -7.19 -8.27
N GLU A 53 -18.90 -6.33 -9.22
CA GLU A 53 -17.97 -5.30 -9.69
C GLU A 53 -17.63 -4.28 -8.62
N ARG A 54 -18.61 -3.94 -7.80
CA ARG A 54 -18.50 -2.79 -6.91
C ARG A 54 -18.27 -3.10 -5.44
N LYS A 55 -18.56 -4.32 -5.00
CA LYS A 55 -18.59 -4.64 -3.56
C LYS A 55 -17.54 -5.67 -3.11
N GLU A 56 -16.42 -5.77 -3.85
CA GLU A 56 -15.32 -6.69 -3.48
C GLU A 56 -14.82 -6.50 -2.06
N PHE A 57 -14.77 -5.24 -1.62
CA PHE A 57 -14.21 -4.93 -0.32
C PHE A 57 -14.89 -5.65 0.83
N HIS A 58 -16.21 -5.85 0.72
CA HIS A 58 -16.95 -6.51 1.78
C HIS A 58 -16.47 -7.94 1.98
N CYS A 59 -16.18 -8.62 0.87
CA CYS A 59 -15.62 -9.97 0.92
C CYS A 59 -14.18 -9.97 1.38
N GLU A 60 -13.41 -8.99 0.92
CA GLU A 60 -12.01 -8.86 1.34
C GLU A 60 -11.89 -8.69 2.85
N GLY A 61 -12.68 -7.79 3.43
CA GLY A 61 -12.71 -7.56 4.87
C GLY A 61 -13.20 -8.76 5.65
N GLY A 62 -14.32 -9.33 5.22
CA GLY A 62 -14.89 -10.50 5.88
C GLY A 62 -13.94 -11.70 5.88
N GLY A 63 -13.20 -11.89 4.79
CA GLY A 63 -12.30 -13.04 4.67
C GLY A 63 -11.14 -13.04 5.66
N ILE A 64 -10.84 -11.87 6.23
CA ILE A 64 -9.73 -11.73 7.20
C ILE A 64 -9.98 -12.61 8.42
N TYR A 65 -11.25 -12.83 8.77
CA TYR A 65 -11.59 -13.73 9.88
C TYR A 65 -11.08 -15.16 9.72
N GLY A 66 -10.81 -15.58 8.48
CA GLY A 66 -10.16 -16.86 8.21
C GLY A 66 -8.87 -17.09 8.99
N LEU A 67 -8.13 -16.03 9.28
CA LEU A 67 -6.89 -16.13 10.05
C LEU A 67 -7.08 -16.67 11.47
N LEU A 68 -8.29 -16.55 12.01
CA LEU A 68 -8.64 -17.16 13.31
C LEU A 68 -8.88 -18.67 13.25
N ALA A 69 -9.04 -19.24 12.05
CA ALA A 69 -9.41 -20.65 11.89
C ALA A 69 -8.64 -21.30 10.75
N ARG A 70 -7.32 -21.33 10.89
CA ARG A 70 -6.44 -21.85 9.85
C ARG A 70 -6.73 -23.27 9.40
N ASP A 71 -7.15 -24.12 10.32
CA ASP A 71 -7.47 -25.50 9.98
C ASP A 71 -8.68 -25.64 9.05
N ARG A 72 -9.56 -24.62 9.03
CA ARG A 72 -10.70 -24.57 8.11
C ARG A 72 -10.67 -23.30 7.24
N PHE A 73 -9.48 -22.87 6.85
CA PHE A 73 -9.28 -21.56 6.19
C PHE A 73 -10.11 -21.39 4.92
N ASP A 74 -9.93 -22.29 3.97
CA ASP A 74 -10.59 -22.17 2.67
C ASP A 74 -12.10 -22.27 2.78
N GLU A 75 -12.61 -23.23 3.57
N GLU A 75 -12.59 -23.23 3.57
CA GLU A 75 -14.05 -23.42 3.69
CA GLU A 75 -14.03 -23.44 3.75
C GLU A 75 -14.74 -22.28 4.45
C GLU A 75 -14.71 -22.27 4.43
N LEU A 76 -14.10 -21.76 5.50
CA LEU A 76 -14.64 -20.57 6.20
C LEU A 76 -14.74 -19.36 5.26
N ILE A 77 -13.68 -19.12 4.49
CA ILE A 77 -13.70 -18.06 3.50
C ILE A 77 -14.77 -18.30 2.42
N GLN A 78 -14.94 -19.54 1.97
CA GLN A 78 -16.00 -19.85 1.01
C GLN A 78 -17.38 -19.51 1.56
N PHE A 79 -17.63 -19.82 2.83
CA PHE A 79 -18.90 -19.45 3.48
C PHE A 79 -19.06 -17.93 3.50
N ILE A 80 -18.05 -17.24 4.02
CA ILE A 80 -18.12 -15.78 4.19
C ILE A 80 -18.40 -15.12 2.85
N ILE A 81 -17.69 -15.57 1.83
CA ILE A 81 -17.81 -14.97 0.50
C ILE A 81 -19.18 -15.23 -0.13
N ALA A 82 -19.69 -16.47 -0.01
CA ALA A 82 -21.02 -16.81 -0.54
C ALA A 82 -22.10 -15.99 0.13
N TYR A 83 -22.06 -15.95 1.46
CA TYR A 83 -23.03 -15.19 2.24
C TYR A 83 -22.97 -13.69 1.89
N GLN A 84 -21.77 -13.13 1.81
CA GLN A 84 -21.61 -11.70 1.50
C GLN A 84 -22.05 -11.39 0.08
N ILE A 85 -21.66 -12.24 -0.87
CA ILE A 85 -22.11 -12.08 -2.24
C ILE A 85 -23.63 -12.04 -2.30
N MET A 86 -24.28 -12.96 -1.59
N MET A 86 -24.28 -12.95 -1.58
CA MET A 86 -25.73 -12.95 -1.49
CA MET A 86 -25.74 -12.95 -1.50
C MET A 86 -26.22 -11.59 -1.01
C MET A 86 -26.23 -11.58 -1.01
N CYS A 87 -25.70 -11.16 0.16
CA CYS A 87 -26.12 -9.88 0.74
C CYS A 87 -26.07 -8.75 -0.28
N ASP A 88 -24.96 -8.63 -1.00
CA ASP A 88 -24.84 -7.52 -1.93
C ASP A 88 -25.67 -7.67 -3.20
N TYR A 89 -25.87 -8.91 -3.65
CA TYR A 89 -26.77 -9.19 -4.78
C TYR A 89 -28.20 -8.82 -4.40
N LEU A 90 -28.65 -9.28 -3.23
CA LEU A 90 -30.00 -8.98 -2.77
C LEU A 90 -30.22 -7.49 -2.48
N ASP A 91 -29.17 -6.80 -2.02
CA ASP A 91 -29.20 -5.35 -1.83
C ASP A 91 -29.52 -4.68 -3.17
N ASN A 92 -28.78 -5.07 -4.21
CA ASN A 92 -29.05 -4.56 -5.57
C ASN A 92 -30.47 -4.85 -6.05
N LEU A 93 -30.94 -6.08 -5.86
CA LEU A 93 -32.30 -6.44 -6.29
C LEU A 93 -33.38 -5.60 -5.64
N CYS A 94 -33.22 -5.32 -4.35
CA CYS A 94 -34.20 -4.51 -3.63
C CYS A 94 -34.04 -3.04 -3.99
N ASP A 95 -32.82 -2.53 -3.96
CA ASP A 95 -32.54 -1.12 -4.25
C ASP A 95 -33.00 -0.71 -5.66
N GLN A 96 -32.83 -1.60 -6.62
CA GLN A 96 -33.14 -1.33 -8.03
C GLN A 96 -34.51 -1.83 -8.51
N SER A 97 -35.33 -2.35 -7.61
CA SER A 97 -36.68 -2.82 -7.97
C SER A 97 -37.53 -1.64 -8.44
N ASP A 98 -38.18 -1.81 -9.60
CA ASP A 98 -39.19 -0.86 -10.09
C ASP A 98 -40.54 -0.99 -9.39
N TYR A 99 -40.75 -2.09 -8.66
CA TYR A 99 -42.07 -2.46 -8.14
C TYR A 99 -42.24 -2.17 -6.64
N LEU A 100 -41.17 -2.37 -5.88
CA LEU A 100 -41.14 -2.03 -4.45
C LEU A 100 -42.14 -2.84 -3.59
N ASP A 101 -42.28 -4.13 -3.88
CA ASP A 101 -43.12 -5.02 -3.07
C ASP A 101 -42.32 -5.57 -1.88
N PRO A 102 -42.72 -5.24 -0.63
CA PRO A 102 -41.97 -5.77 0.51
C PRO A 102 -42.02 -7.30 0.62
N LYS A 103 -43.05 -7.93 0.05
CA LYS A 103 -43.10 -9.38 -0.02
C LYS A 103 -41.97 -9.95 -0.88
N ASP A 104 -41.58 -9.24 -1.95
CA ASP A 104 -40.42 -9.59 -2.79
C ASP A 104 -39.14 -9.46 -1.98
N PHE A 105 -38.99 -8.32 -1.32
CA PHE A 105 -37.77 -8.06 -0.51
C PHE A 105 -37.64 -9.10 0.58
N ARG A 106 -38.76 -9.48 1.21
CA ARG A 106 -38.73 -10.44 2.29
C ARG A 106 -38.39 -11.82 1.79
N SER A 107 -39.04 -12.22 0.69
CA SER A 107 -38.79 -13.52 0.11
C SER A 107 -37.31 -13.67 -0.24
N LEU A 108 -36.75 -12.64 -0.86
CA LEU A 108 -35.33 -12.65 -1.22
C LEU A 108 -34.44 -12.82 -0.01
N HIS A 109 -34.70 -12.05 1.04
CA HIS A 109 -33.85 -12.10 2.23
C HIS A 109 -34.03 -13.33 3.10
N ASN A 110 -35.12 -14.08 2.87
CA ASN A 110 -35.24 -15.43 3.43
C ASN A 110 -34.19 -16.40 2.90
N ALA A 111 -33.56 -16.08 1.76
CA ALA A 111 -32.42 -16.86 1.29
C ALA A 111 -31.29 -16.85 2.31
N LEU A 112 -31.08 -15.75 3.01
CA LEU A 112 -30.02 -15.68 4.01
C LEU A 112 -30.29 -16.61 5.17
N LEU A 113 -31.55 -16.69 5.59
CA LEU A 113 -31.93 -17.62 6.66
C LEU A 113 -31.70 -19.07 6.22
N ALA A 114 -32.07 -19.38 4.98
CA ALA A 114 -31.84 -20.73 4.43
C ALA A 114 -30.35 -21.09 4.39
N ALA A 115 -29.51 -20.13 4.01
CA ALA A 115 -28.07 -20.34 4.01
C ALA A 115 -27.52 -20.75 5.37
N LEU A 116 -28.15 -20.28 6.45
CA LEU A 116 -27.74 -20.58 7.82
C LEU A 116 -28.55 -21.74 8.42
N THR A 117 -29.23 -22.51 7.57
CA THR A 117 -30.13 -23.58 8.03
C THR A 117 -29.95 -24.81 7.14
N PRO A 118 -28.90 -25.62 7.42
CA PRO A 118 -28.74 -26.91 6.72
C PRO A 118 -30.06 -27.67 6.68
N GLY A 119 -30.41 -28.19 5.51
CA GLY A 119 -31.67 -28.90 5.33
C GLY A 119 -32.90 -28.07 5.01
N GLU A 120 -32.82 -26.74 5.07
CA GLU A 120 -33.95 -25.89 4.68
C GLU A 120 -34.27 -26.16 3.21
N PRO A 121 -35.54 -26.47 2.90
CA PRO A 121 -35.88 -26.69 1.50
C PRO A 121 -35.71 -25.39 0.71
N LEU A 122 -35.06 -25.46 -0.44
CA LEU A 122 -34.88 -24.26 -1.26
C LEU A 122 -36.17 -24.06 -2.05
N VAL A 123 -36.63 -22.82 -2.09
CA VAL A 123 -37.90 -22.45 -2.72
C VAL A 123 -37.59 -21.42 -3.79
N ASN A 124 -38.62 -20.93 -4.47
CA ASN A 124 -38.47 -19.86 -5.45
C ASN A 124 -38.46 -18.51 -4.73
N TYR A 125 -37.25 -18.03 -4.47
CA TYR A 125 -37.08 -16.76 -3.74
C TYR A 125 -37.55 -15.58 -4.58
N TYR A 126 -37.65 -15.78 -5.90
CA TYR A 126 -38.12 -14.75 -6.82
C TYR A 126 -39.63 -14.79 -7.11
N GLN A 127 -40.38 -15.57 -6.33
CA GLN A 127 -41.82 -15.77 -6.57
C GLN A 127 -42.69 -14.50 -6.60
N TYR A 128 -42.24 -13.42 -5.97
CA TYR A 128 -42.98 -12.14 -5.92
C TYR A 128 -42.43 -11.04 -6.85
N ARG A 129 -41.61 -11.41 -7.83
CA ARG A 129 -41.16 -10.46 -8.85
C ARG A 129 -41.21 -11.10 -10.23
N ILE A 130 -41.08 -10.27 -11.26
N ILE A 130 -41.10 -10.27 -11.26
CA ILE A 130 -41.18 -10.73 -12.66
CA ILE A 130 -41.16 -10.72 -12.65
C ILE A 130 -39.94 -11.48 -13.16
C ILE A 130 -39.95 -11.56 -13.06
N GLU A 131 -38.75 -11.14 -12.64
CA GLU A 131 -37.51 -11.78 -13.04
C GLU A 131 -37.27 -12.98 -12.15
N GLN A 132 -37.16 -14.16 -12.73
CA GLN A 132 -37.01 -15.40 -11.96
C GLN A 132 -35.94 -16.40 -12.41
N GLU A 133 -35.50 -16.36 -13.67
CA GLU A 133 -34.55 -17.34 -14.19
C GLU A 133 -33.11 -16.91 -13.91
N ASP A 134 -32.54 -17.40 -12.81
CA ASP A 134 -31.15 -17.11 -12.47
C ASP A 134 -30.17 -18.28 -12.74
N GLY A 135 -30.66 -19.37 -13.36
CA GLY A 135 -29.82 -20.54 -13.63
C GLY A 135 -29.31 -21.27 -12.39
N GLY A 136 -29.97 -21.07 -11.25
CA GLY A 136 -29.57 -21.65 -9.98
C GLY A 136 -28.59 -20.84 -9.14
N TYR A 137 -28.27 -19.61 -9.56
CA TYR A 137 -27.25 -18.79 -8.90
C TYR A 137 -27.48 -18.66 -7.39
N LEU A 138 -28.68 -18.23 -7.00
CA LEU A 138 -29.01 -17.96 -5.61
C LEU A 138 -29.04 -19.27 -4.82
N HIS A 139 -29.66 -20.29 -5.38
CA HIS A 139 -29.63 -21.61 -4.77
C HIS A 139 -28.22 -22.14 -4.51
N GLU A 140 -27.34 -21.94 -5.47
CA GLU A 140 -25.94 -22.38 -5.33
C GLU A 140 -25.24 -21.64 -4.20
N LEU A 141 -25.48 -20.33 -4.09
CA LEU A 141 -24.94 -19.56 -2.98
C LEU A 141 -25.46 -20.07 -1.63
N ILE A 142 -26.77 -20.31 -1.54
CA ILE A 142 -27.39 -20.84 -0.32
C ILE A 142 -26.76 -22.19 0.05
N GLU A 143 -26.72 -23.10 -0.91
N GLU A 143 -26.72 -23.10 -0.92
CA GLU A 143 -26.17 -24.44 -0.70
CA GLU A 143 -26.18 -24.45 -0.73
C GLU A 143 -24.72 -24.46 -0.30
C GLU A 143 -24.72 -24.47 -0.31
N THR A 144 -23.93 -23.55 -0.87
CA THR A 144 -22.52 -23.40 -0.49
C THR A 144 -22.41 -23.20 1.02
N CYS A 145 -23.21 -22.28 1.57
CA CYS A 145 -23.22 -22.00 3.01
C CYS A 145 -23.69 -23.19 3.83
N GLN A 146 -24.83 -23.75 3.44
CA GLN A 146 -25.40 -24.93 4.10
C GLN A 146 -24.42 -26.10 4.20
N HIS A 147 -23.78 -26.41 3.07
CA HIS A 147 -22.86 -27.54 3.01
C HIS A 147 -21.63 -27.36 3.87
N ILE A 148 -21.14 -26.12 4.00
CA ILE A 148 -19.98 -25.84 4.82
C ILE A 148 -20.31 -25.76 6.31
N LEU A 149 -21.34 -24.99 6.67
CA LEU A 149 -21.67 -24.74 8.08
C LEU A 149 -21.97 -26.01 8.86
N VAL A 150 -22.65 -26.97 8.21
CA VAL A 150 -23.00 -28.23 8.88
C VAL A 150 -21.75 -29.04 9.29
N THR A 151 -20.62 -28.81 8.62
CA THR A 151 -19.36 -29.49 8.99
C THR A 151 -18.57 -28.79 10.09
N PHE A 152 -19.01 -27.63 10.55
CA PHE A 152 -18.32 -26.92 11.63
C PHE A 152 -18.80 -27.48 12.98
N PRO A 153 -17.86 -27.94 13.84
CA PRO A 153 -18.26 -28.71 15.04
C PRO A 153 -19.02 -27.94 16.13
N SER A 154 -18.91 -26.61 16.14
CA SER A 154 -19.75 -25.79 17.03
C SER A 154 -20.76 -24.92 16.29
N PHE A 155 -21.09 -25.26 15.05
CA PHE A 155 -22.12 -24.51 14.32
C PHE A 155 -23.46 -24.58 15.05
N ARG A 156 -23.86 -25.77 15.49
CA ARG A 156 -25.17 -25.90 16.13
C ARG A 156 -25.27 -25.00 17.37
N MET A 157 -24.16 -24.80 18.06
CA MET A 157 -24.14 -23.93 19.25
C MET A 157 -24.30 -22.44 18.94
N VAL A 158 -23.83 -21.99 17.76
CA VAL A 158 -23.98 -20.57 17.37
C VAL A 158 -25.17 -20.31 16.43
N GLN A 159 -25.81 -21.36 15.92
CA GLN A 159 -26.81 -21.24 14.85
C GLN A 159 -27.95 -20.27 15.20
N GLU A 160 -28.46 -20.34 16.43
CA GLU A 160 -29.56 -19.48 16.88
C GLU A 160 -29.15 -18.01 16.83
N ASN A 161 -27.95 -17.72 17.34
CA ASN A 161 -27.41 -16.35 17.33
C ASN A 161 -27.17 -15.84 15.92
N MET A 162 -26.68 -16.73 15.03
CA MET A 162 -26.46 -16.36 13.63
C MET A 162 -27.79 -16.00 12.95
N LEU A 163 -28.82 -16.82 13.16
CA LEU A 163 -30.14 -16.56 12.60
C LEU A 163 -30.79 -15.27 13.11
N GLU A 164 -30.58 -14.97 14.39
CA GLU A 164 -31.09 -13.73 14.98
C GLU A 164 -30.53 -12.51 14.28
N LEU A 165 -29.20 -12.48 14.11
CA LEU A 165 -28.54 -11.40 13.39
C LEU A 165 -28.98 -11.32 11.94
N SER A 166 -29.04 -12.47 11.26
CA SER A 166 -29.49 -12.54 9.86
C SER A 166 -30.92 -12.06 9.69
N GLN A 167 -31.79 -12.43 10.63
CA GLN A 167 -33.19 -11.99 10.61
C GLN A 167 -33.30 -10.48 10.69
N LEU A 168 -32.56 -9.88 11.62
CA LEU A 168 -32.59 -8.42 11.80
C LEU A 168 -32.07 -7.69 10.59
N TYR A 169 -30.98 -8.20 10.03
CA TYR A 169 -30.44 -7.69 8.79
C TYR A 169 -31.49 -7.72 7.67
N GLY A 170 -32.14 -8.87 7.49
CA GLY A 170 -33.21 -9.03 6.53
C GLY A 170 -34.37 -8.07 6.72
N ASP A 171 -34.82 -7.92 7.97
CA ASP A 171 -35.88 -6.96 8.30
C ASP A 171 -35.48 -5.57 7.79
N LEU A 172 -34.25 -5.17 8.10
CA LEU A 172 -33.74 -3.86 7.70
C LEU A 172 -33.87 -3.64 6.19
N GLN A 173 -33.46 -4.63 5.40
N GLN A 173 -33.46 -4.63 5.40
CA GLN A 173 -33.49 -4.51 3.94
CA GLN A 173 -33.48 -4.53 3.95
C GLN A 173 -34.91 -4.47 3.37
C GLN A 173 -34.89 -4.50 3.35
N VAL A 174 -35.87 -5.10 4.04
CA VAL A 174 -37.27 -5.02 3.62
C VAL A 174 -37.77 -3.59 3.84
N HIS A 175 -37.64 -3.09 5.07
CA HIS A 175 -38.24 -1.81 5.46
C HIS A 175 -37.63 -0.61 4.76
N LYS A 176 -36.31 -0.62 4.58
CA LYS A 176 -35.64 0.55 4.04
C LYS A 176 -35.89 0.76 2.53
N HIS A 177 -36.30 -0.29 1.81
CA HIS A 177 -36.43 -0.21 0.35
C HIS A 177 -37.84 0.00 -0.21
N VAL A 178 -38.85 0.04 0.65
CA VAL A 178 -40.23 0.27 0.21
C VAL A 178 -40.39 1.71 -0.31
N VAL A 179 -41.56 2.02 -0.87
CA VAL A 179 -41.84 3.38 -1.35
C VAL A 179 -41.52 4.37 -0.23
N LYS A 180 -40.90 5.50 -0.60
CA LYS A 180 -40.26 6.42 0.36
C LYS A 180 -41.13 6.79 1.56
N GLU A 181 -42.40 7.05 1.31
CA GLU A 181 -43.33 7.56 2.32
C GLU A 181 -43.57 6.53 3.45
N GLU A 182 -43.42 5.24 3.14
CA GLU A 182 -43.67 4.15 4.10
C GLU A 182 -42.43 3.68 4.86
N ARG A 183 -41.24 4.16 4.48
CA ARG A 183 -39.99 3.64 5.06
C ARG A 183 -39.83 3.90 6.55
N ILE A 184 -39.89 5.18 6.95
CA ILE A 184 -39.65 5.54 8.37
C ILE A 184 -40.73 4.96 9.28
N PRO A 185 -42.02 5.05 8.89
CA PRO A 185 -43.04 4.37 9.69
C PRO A 185 -42.79 2.87 9.90
N ARG A 186 -42.40 2.16 8.85
N ARG A 186 -42.40 2.16 8.85
CA ARG A 186 -42.04 0.74 8.94
CA ARG A 186 -42.04 0.74 8.95
C ARG A 186 -40.84 0.53 9.87
C ARG A 186 -40.84 0.53 9.88
N LEU A 187 -39.80 1.36 9.73
CA LEU A 187 -38.59 1.25 10.56
C LEU A 187 -38.86 1.53 12.04
N GLU A 188 -39.67 2.56 12.33
CA GLU A 188 -40.06 2.86 13.71
C GLU A 188 -40.92 1.77 14.36
N ALA A 189 -41.89 1.23 13.63
CA ALA A 189 -42.73 0.14 14.15
C ALA A 189 -41.90 -1.13 14.38
N TRP A 190 -40.95 -1.37 13.47
CA TRP A 190 -40.02 -2.49 13.62
C TRP A 190 -39.11 -2.31 14.84
N PHE A 191 -38.55 -1.12 15.03
CA PHE A 191 -37.76 -0.85 16.23
C PHE A 191 -38.58 -1.07 17.52
N ASN A 192 -39.83 -0.64 17.52
CA ASN A 192 -40.75 -0.90 18.65
C ASN A 192 -40.89 -2.36 19.06
N GLU A 193 -40.79 -3.28 18.10
CA GLU A 193 -40.83 -4.72 18.40
C GLU A 193 -39.63 -5.17 19.24
N HIS A 194 -38.48 -4.52 19.04
CA HIS A 194 -37.23 -4.92 19.66
C HIS A 194 -36.70 -3.96 20.74
N LYS A 195 -37.28 -2.77 20.87
CA LYS A 195 -36.76 -1.72 21.76
C LYS A 195 -36.58 -2.13 23.22
N GLU A 196 -37.54 -2.89 23.77
CA GLU A 196 -37.49 -3.35 25.18
C GLU A 196 -36.22 -4.11 25.51
N LYS A 197 -35.78 -4.95 24.59
CA LYS A 197 -34.64 -5.85 24.79
C LYS A 197 -33.27 -5.23 24.42
N MET A 198 -33.26 -4.04 23.82
CA MET A 198 -32.02 -3.38 23.41
C MET A 198 -31.61 -2.31 24.41
N PRO A 199 -30.32 -1.92 24.42
CA PRO A 199 -29.93 -0.72 25.19
C PRO A 199 -30.59 0.52 24.61
N GLU A 200 -30.57 1.62 25.36
CA GLU A 200 -31.22 2.87 24.93
C GLU A 200 -30.59 3.38 23.63
N MET A 201 -31.43 3.51 22.61
CA MET A 201 -31.03 4.06 21.30
C MET A 201 -32.27 4.45 20.50
N THR A 202 -32.06 5.11 19.38
CA THR A 202 -33.15 5.50 18.49
C THR A 202 -33.37 4.43 17.43
N TRP A 203 -34.48 4.55 16.71
CA TRP A 203 -34.80 3.64 15.60
C TRP A 203 -33.73 3.64 14.51
N PHE A 204 -33.15 4.81 14.27
CA PHE A 204 -32.15 4.98 13.22
C PHE A 204 -30.77 4.45 13.64
N GLU A 205 -30.43 4.58 14.92
CA GLU A 205 -29.26 3.90 15.49
C GLU A 205 -29.42 2.38 15.45
N PHE A 206 -30.61 1.90 15.83
CA PHE A 206 -30.91 0.47 15.78
C PHE A 206 -30.78 -0.05 14.36
N SER A 207 -31.34 0.68 13.40
CA SER A 207 -31.23 0.30 11.98
C SER A 207 -29.78 0.10 11.59
N ALA A 208 -28.90 1.02 12.02
CA ALA A 208 -27.46 0.91 11.77
C ALA A 208 -26.86 -0.35 12.39
N CYS A 209 -27.21 -0.63 13.65
CA CYS A 209 -26.70 -1.81 14.37
C CYS A 209 -27.00 -3.13 13.67
N THR A 210 -28.13 -3.19 12.97
CA THR A 210 -28.57 -4.43 12.29
C THR A 210 -28.00 -4.63 10.89
N GLY A 211 -27.39 -3.60 10.30
CA GLY A 211 -27.00 -3.62 8.88
C GLY A 211 -25.63 -4.16 8.51
N SER A 212 -24.89 -4.67 9.48
CA SER A 212 -23.57 -5.27 9.28
C SER A 212 -23.68 -6.78 9.28
N THR A 213 -22.71 -7.44 8.63
CA THR A 213 -22.60 -8.90 8.62
C THR A 213 -21.43 -9.42 9.48
N LEU A 214 -20.77 -8.54 10.24
CA LEU A 214 -19.55 -8.94 10.95
C LEU A 214 -19.84 -9.99 12.05
N GLY A 215 -20.95 -9.82 12.74
CA GLY A 215 -21.39 -10.76 13.78
C GLY A 215 -21.56 -12.17 13.24
N VAL A 216 -22.25 -12.28 12.12
CA VAL A 216 -22.45 -13.57 11.43
C VAL A 216 -21.12 -14.27 11.13
N TYR A 217 -20.16 -13.53 10.56
CA TYR A 217 -18.88 -14.13 10.20
C TYR A 217 -18.05 -14.51 11.41
N THR A 218 -18.09 -13.68 12.46
CA THR A 218 -17.39 -14.00 13.70
C THR A 218 -17.94 -15.25 14.39
N LEU A 219 -19.26 -15.36 14.47
CA LEU A 219 -19.90 -16.58 14.97
C LEU A 219 -19.51 -17.83 14.15
N ALA A 220 -19.58 -17.71 12.82
CA ALA A 220 -19.16 -18.81 11.93
C ALA A 220 -17.70 -19.22 12.13
N THR A 221 -16.85 -18.24 12.42
CA THR A 221 -15.44 -18.46 12.62
C THR A 221 -15.20 -19.32 13.88
N TYR A 222 -15.80 -18.91 14.99
CA TYR A 222 -15.72 -19.70 16.23
C TYR A 222 -16.52 -21.01 16.18
N ALA A 223 -17.49 -21.11 15.27
CA ALA A 223 -18.15 -22.40 15.00
C ALA A 223 -17.16 -23.48 14.54
N THR A 224 -16.03 -23.11 13.94
CA THR A 224 -15.06 -24.10 13.47
C THR A 224 -14.30 -24.83 14.59
N LYS A 225 -14.39 -24.33 15.81
CA LYS A 225 -13.66 -24.88 16.94
C LYS A 225 -14.53 -25.81 17.74
N GLU A 226 -13.91 -26.85 18.31
CA GLU A 226 -14.61 -27.86 19.11
C GLU A 226 -15.01 -27.31 20.47
N GLY A 227 -16.19 -27.72 20.93
CA GLY A 227 -16.60 -27.55 22.31
C GLY A 227 -16.98 -26.15 22.78
N LEU A 228 -17.43 -25.29 21.86
CA LEU A 228 -17.95 -23.99 22.25
C LEU A 228 -19.23 -24.19 23.07
N THR A 229 -19.38 -23.41 24.13
CA THR A 229 -20.59 -23.47 24.97
C THR A 229 -21.59 -22.38 24.58
N SER A 230 -22.81 -22.51 25.08
CA SER A 230 -23.87 -21.54 24.80
C SER A 230 -23.53 -20.15 25.35
N GLU A 231 -22.89 -20.12 26.51
CA GLU A 231 -22.45 -18.86 27.13
C GLU A 231 -21.38 -18.18 26.28
N GLN A 232 -20.45 -18.98 25.75
CA GLN A 232 -19.40 -18.48 24.87
C GLN A 232 -19.95 -17.93 23.54
N ALA A 233 -20.93 -18.65 22.98
CA ALA A 233 -21.61 -18.19 21.77
C ALA A 233 -22.30 -16.85 22.00
N ASP A 234 -22.92 -16.68 23.17
CA ASP A 234 -23.58 -15.41 23.51
C ASP A 234 -22.58 -14.27 23.72
N VAL A 235 -21.43 -14.57 24.33
CA VAL A 235 -20.33 -13.59 24.46
C VAL A 235 -19.88 -13.09 23.08
N ILE A 236 -19.68 -14.03 22.16
CA ILE A 236 -19.23 -13.72 20.80
C ILE A 236 -20.24 -12.82 20.07
N LYS A 237 -21.53 -13.17 20.15
CA LYS A 237 -22.58 -12.34 19.53
C LYS A 237 -22.57 -10.93 20.11
N ALA A 238 -22.52 -10.83 21.44
CA ALA A 238 -22.53 -9.54 22.13
C ALA A 238 -21.26 -8.70 21.86
N GLY A 239 -20.15 -9.36 21.59
CA GLY A 239 -18.91 -8.68 21.20
C GLY A 239 -19.07 -7.79 19.99
N TYR A 240 -19.94 -8.21 19.06
CA TYR A 240 -20.18 -7.47 17.81
C TYR A 240 -21.51 -6.71 17.75
N PHE A 241 -22.55 -7.27 18.37
CA PHE A 241 -23.88 -6.67 18.32
C PHE A 241 -24.27 -6.12 19.71
N PRO A 242 -24.79 -4.89 19.78
CA PRO A 242 -25.10 -3.93 18.70
C PRO A 242 -23.99 -2.96 18.29
N TRP A 243 -22.99 -2.78 19.14
CA TRP A 243 -22.17 -1.57 19.13
C TRP A 243 -21.14 -1.55 18.00
N VAL A 244 -20.47 -2.67 17.78
CA VAL A 244 -19.43 -2.76 16.75
C VAL A 244 -20.09 -2.65 15.37
N GLN A 245 -21.18 -3.39 15.17
CA GLN A 245 -21.95 -3.29 13.93
C GLN A 245 -22.49 -1.87 13.71
N GLY A 246 -22.97 -1.25 14.79
CA GLY A 246 -23.47 0.12 14.72
C GLY A 246 -22.44 1.13 14.27
N VAL A 247 -21.23 1.07 14.82
CA VAL A 247 -20.15 1.99 14.41
C VAL A 247 -19.87 1.87 12.90
N HIS A 248 -19.80 0.65 12.39
N HIS A 248 -19.78 0.61 12.44
CA HIS A 248 -19.51 0.48 10.97
CA HIS A 248 -19.59 0.27 11.03
C HIS A 248 -20.59 1.07 10.06
C HIS A 248 -20.57 1.00 10.11
N LEU A 249 -21.86 0.82 10.39
CA LEU A 249 -22.93 1.39 9.57
C LEU A 249 -23.08 2.90 9.74
N LEU A 250 -22.89 3.41 10.96
CA LEU A 250 -22.89 4.86 11.16
C LEU A 250 -21.81 5.55 10.32
N LEU A 251 -20.62 4.94 10.25
N LEU A 251 -20.63 4.92 10.25
CA LEU A 251 -19.55 5.44 9.37
CA LEU A 251 -19.53 5.41 9.40
C LEU A 251 -19.91 5.37 7.90
C LEU A 251 -19.88 5.36 7.91
N ASP A 252 -20.52 4.26 7.49
CA ASP A 252 -21.02 4.12 6.10
C ASP A 252 -21.95 5.27 5.72
N TYR A 253 -22.89 5.60 6.60
N TYR A 253 -22.91 5.56 6.61
CA TYR A 253 -23.81 6.70 6.37
CA TYR A 253 -23.84 6.69 6.46
C TYR A 253 -23.15 8.07 6.48
C TYR A 253 -23.10 8.02 6.43
N PHE A 254 -22.13 8.18 7.34
CA PHE A 254 -21.33 9.43 7.46
C PHE A 254 -20.62 9.83 6.17
N ILE A 255 -19.96 8.86 5.53
N ILE A 255 -19.96 8.88 5.50
CA ILE A 255 -19.26 9.07 4.26
CA ILE A 255 -19.24 9.19 4.26
C ILE A 255 -20.18 9.48 3.11
C ILE A 255 -20.17 9.44 3.07
N ASP A 256 -21.41 8.93 3.11
CA ASP A 256 -22.38 9.15 2.01
C ASP A 256 -23.33 10.35 2.18
N GLN A 257 -23.13 11.18 3.21
CA GLN A 257 -24.03 12.32 3.50
C GLN A 257 -24.22 13.29 2.34
N GLU A 258 -23.11 13.68 1.70
CA GLU A 258 -23.14 14.65 0.59
C GLU A 258 -23.86 14.11 -0.65
N GLU A 259 -23.63 12.84 -0.96
CA GLU A 259 -24.34 12.16 -2.06
C GLU A 259 -25.83 12.01 -1.74
N ASP A 260 -26.14 11.61 -0.50
CA ASP A 260 -27.52 11.39 -0.05
C ASP A 260 -28.34 12.68 0.10
N ILE A 261 -27.71 13.76 0.58
CA ILE A 261 -28.38 15.06 0.68
C ILE A 261 -28.64 15.69 -0.70
N ALA A 262 -27.80 15.33 -1.69
CA ALA A 262 -28.00 15.77 -3.09
C ALA A 262 -29.22 15.11 -3.73
N ASP A 263 -29.38 13.80 -3.50
CA ASP A 263 -30.49 13.02 -4.09
C ASP A 263 -31.70 12.87 -3.16
N ASP A 264 -31.57 13.33 -1.91
CA ASP A 264 -32.56 13.11 -0.85
C ASP A 264 -32.86 11.62 -0.66
N GLU A 265 -31.79 10.86 -0.43
CA GLU A 265 -31.89 9.43 -0.16
C GLU A 265 -31.90 9.21 1.36
N LEU A 266 -32.42 8.06 1.77
CA LEU A 266 -32.44 7.67 3.18
C LEU A 266 -31.01 7.59 3.75
N ASN A 267 -30.67 8.58 4.59
CA ASN A 267 -29.47 8.56 5.40
C ASN A 267 -29.90 8.67 6.85
N PHE A 268 -29.56 7.65 7.65
N PHE A 268 -29.56 7.65 7.65
CA PHE A 268 -30.00 7.55 9.04
CA PHE A 268 -30.02 7.56 9.03
C PHE A 268 -29.46 8.65 9.96
C PHE A 268 -29.45 8.64 9.97
N LEU A 269 -28.29 9.20 9.64
CA LEU A 269 -27.69 10.28 10.45
C LEU A 269 -28.47 11.59 10.45
N PHE A 270 -29.27 11.83 9.41
N PHE A 270 -29.27 11.84 9.41
CA PHE A 270 -30.08 13.04 9.26
CA PHE A 270 -30.04 13.07 9.30
C PHE A 270 -31.13 13.23 10.36
C PHE A 270 -31.17 13.23 10.33
N TYR A 271 -31.50 12.15 11.05
CA TYR A 271 -32.56 12.18 12.07
C TYR A 271 -32.06 12.49 13.50
N TYR A 272 -30.74 12.64 13.67
CA TYR A 272 -30.22 13.23 14.90
C TYR A 272 -30.73 14.68 15.01
N GLU A 273 -30.89 15.15 16.25
N GLU A 273 -30.88 15.17 16.24
CA GLU A 273 -31.34 16.53 16.52
CA GLU A 273 -31.34 16.53 16.50
C GLU A 273 -30.39 17.58 15.93
C GLU A 273 -30.39 17.59 15.93
N ASN A 274 -29.09 17.33 16.05
CA ASN A 274 -28.06 18.22 15.52
C ASN A 274 -26.72 17.47 15.41
N GLU A 275 -25.73 18.11 14.78
CA GLU A 275 -24.42 17.47 14.56
C GLU A 275 -23.67 17.10 15.84
N GLU A 276 -23.76 17.92 16.88
N GLU A 276 -23.78 17.95 16.86
CA GLU A 276 -23.08 17.61 18.14
CA GLU A 276 -23.18 17.71 18.17
C GLU A 276 -23.67 16.38 18.84
C GLU A 276 -23.67 16.40 18.79
N GLN A 277 -24.98 16.18 18.73
CA GLN A 277 -25.61 14.95 19.22
C GLN A 277 -25.12 13.74 18.41
N MET A 278 -25.03 13.90 17.09
CA MET A 278 -24.53 12.81 16.22
C MET A 278 -23.13 12.42 16.64
N ILE A 279 -22.26 13.42 16.75
CA ILE A 279 -20.87 13.20 17.20
C ILE A 279 -20.78 12.59 18.59
N GLU A 280 -21.60 13.09 19.52
N GLU A 280 -21.61 13.08 19.52
CA GLU A 280 -21.60 12.59 20.89
CA GLU A 280 -21.58 12.58 20.89
C GLU A 280 -22.02 11.12 20.97
C GLU A 280 -22.02 11.12 20.97
N ARG A 281 -23.08 10.77 20.25
CA ARG A 281 -23.54 9.38 20.19
C ARG A 281 -22.56 8.47 19.45
N PHE A 282 -21.91 8.97 18.41
CA PHE A 282 -20.86 8.20 17.73
C PHE A 282 -19.73 7.86 18.71
N GLN A 283 -19.29 8.86 19.49
CA GLN A 283 -18.24 8.64 20.49
C GLN A 283 -18.68 7.60 21.51
N TYR A 284 -19.95 7.68 21.92
CA TYR A 284 -20.53 6.72 22.85
C TYR A 284 -20.50 5.31 22.26
N PHE A 285 -20.99 5.19 21.03
CA PHE A 285 -20.92 3.92 20.29
C PHE A 285 -19.49 3.35 20.22
N VAL A 286 -18.52 4.21 19.92
CA VAL A 286 -17.11 3.80 19.86
C VAL A 286 -16.63 3.25 21.22
N GLN A 287 -16.99 3.94 22.31
CA GLN A 287 -16.61 3.48 23.65
C GLN A 287 -17.20 2.11 23.99
N LYS A 288 -18.48 1.92 23.70
CA LYS A 288 -19.17 0.65 23.94
C LYS A 288 -18.63 -0.48 23.05
N ALA A 289 -18.26 -0.14 21.83
CA ALA A 289 -17.71 -1.14 20.90
C ALA A 289 -16.32 -1.61 21.33
N GLU A 290 -15.47 -0.66 21.73
CA GLU A 290 -14.17 -0.97 22.37
C GLU A 290 -14.33 -1.97 23.52
N GLU A 291 -15.32 -1.68 24.36
CA GLU A 291 -15.63 -2.50 25.53
C GLU A 291 -16.07 -3.90 25.13
N SER A 292 -17.00 -4.00 24.18
CA SER A 292 -17.51 -5.32 23.76
C SER A 292 -16.44 -6.15 23.04
N LEU A 293 -15.61 -5.50 22.23
CA LEU A 293 -14.50 -6.20 21.57
C LEU A 293 -13.51 -6.80 22.57
N SER A 294 -13.25 -6.10 23.67
CA SER A 294 -12.33 -6.57 24.71
C SER A 294 -12.77 -7.88 25.38
N THR A 295 -14.07 -8.19 25.31
CA THR A 295 -14.65 -9.40 25.91
C THR A 295 -14.45 -10.65 25.04
N LEU A 296 -14.02 -10.47 23.80
CA LEU A 296 -13.90 -11.57 22.87
C LEU A 296 -12.64 -12.38 23.06
N PRO A 297 -12.65 -13.64 22.61
CA PRO A 297 -11.39 -14.36 22.46
C PRO A 297 -10.53 -13.65 21.42
N ASP A 298 -9.22 -13.69 21.57
CA ASP A 298 -8.29 -13.07 20.62
C ASP A 298 -8.55 -11.56 20.50
N PRO A 299 -8.70 -10.85 21.64
CA PRO A 299 -9.22 -9.46 21.63
C PRO A 299 -8.42 -8.48 20.78
N LYS A 300 -7.10 -8.63 20.75
CA LYS A 300 -6.22 -7.78 19.93
C LYS A 300 -6.51 -7.92 18.44
N PHE A 301 -6.80 -9.15 18.00
CA PHE A 301 -7.11 -9.38 16.58
C PHE A 301 -8.38 -8.64 16.18
N HIS A 302 -9.45 -8.83 16.97
CA HIS A 302 -10.73 -8.16 16.68
C HIS A 302 -10.60 -6.64 16.71
N ARG A 303 -9.79 -6.11 17.62
N ARG A 303 -9.79 -6.11 17.62
CA ARG A 303 -9.54 -4.67 17.66
CA ARG A 303 -9.54 -4.67 17.66
C ARG A 303 -8.85 -4.17 16.40
C ARG A 303 -8.86 -4.18 16.38
N HIS A 304 -7.84 -4.90 15.91
CA HIS A 304 -7.14 -4.55 14.64
C HIS A 304 -8.09 -4.52 13.44
N ILE A 305 -8.93 -5.55 13.32
CA ILE A 305 -9.91 -5.62 12.22
C ILE A 305 -10.85 -4.43 12.26
N TRP A 306 -11.46 -4.24 13.41
CA TRP A 306 -12.46 -3.19 13.60
C TRP A 306 -11.90 -1.82 13.27
N ARG A 307 -10.74 -1.51 13.82
CA ARG A 307 -10.08 -0.23 13.60
C ARG A 307 -9.47 -0.10 12.19
N GLY A 308 -9.12 -1.23 11.59
CA GLY A 308 -8.73 -1.27 10.19
C GLY A 308 -9.85 -0.83 9.27
N ILE A 309 -11.04 -1.37 9.48
CA ILE A 309 -12.18 -1.02 8.63
C ILE A 309 -12.54 0.47 8.81
N ILE A 310 -12.49 0.95 10.05
CA ILE A 310 -12.73 2.37 10.32
C ILE A 310 -11.72 3.26 9.58
N ALA A 311 -10.43 2.98 9.75
CA ALA A 311 -9.39 3.74 9.03
C ALA A 311 -9.57 3.71 7.52
N ILE A 312 -9.95 2.55 6.97
CA ILE A 312 -10.20 2.42 5.54
C ILE A 312 -11.40 3.28 5.08
N TYR A 313 -12.51 3.21 5.81
N TYR A 313 -12.51 3.20 5.81
CA TYR A 313 -13.68 4.05 5.51
CA TYR A 313 -13.68 4.03 5.53
C TYR A 313 -13.34 5.54 5.59
C TYR A 313 -13.34 5.53 5.59
N LEU A 314 -12.69 5.94 6.67
CA LEU A 314 -12.30 7.35 6.85
C LEU A 314 -11.23 7.84 5.87
N SER A 315 -10.43 6.92 5.30
CA SER A 315 -9.44 7.28 4.29
C SER A 315 -10.07 7.69 2.95
N ASP A 316 -11.36 7.43 2.77
CA ASP A 316 -12.09 7.81 1.56
C ASP A 316 -11.86 9.27 1.20
N GLU A 317 -11.68 9.51 -0.08
CA GLU A 317 -11.62 10.87 -0.66
C GLU A 317 -12.77 11.77 -0.21
N LYS A 318 -13.97 11.19 -0.09
CA LYS A 318 -15.16 11.92 0.37
C LYS A 318 -15.04 12.50 1.78
N VAL A 319 -14.20 11.89 2.62
CA VAL A 319 -13.88 12.44 3.94
C VAL A 319 -12.63 13.34 3.85
N GLN A 320 -11.54 12.79 3.33
CA GLN A 320 -10.23 13.47 3.42
C GLN A 320 -10.11 14.77 2.62
N LYS A 321 -10.77 14.84 1.45
CA LYS A 321 -10.82 16.09 0.65
C LYS A 321 -11.96 17.04 1.03
N ASN A 322 -12.82 16.66 1.97
CA ASN A 322 -13.89 17.51 2.48
C ASN A 322 -13.46 18.11 3.83
N LYS A 323 -13.20 19.41 3.84
CA LYS A 323 -12.64 20.08 5.02
C LYS A 323 -13.49 19.88 6.28
N GLU A 324 -14.80 20.01 6.12
CA GLU A 324 -15.74 19.88 7.23
C GLU A 324 -15.89 18.44 7.74
N LEU A 325 -15.97 17.47 6.81
CA LEU A 325 -16.10 16.06 7.19
C LEU A 325 -14.83 15.52 7.84
N LYS A 326 -13.67 15.91 7.31
CA LYS A 326 -12.38 15.52 7.93
C LYS A 326 -12.29 16.02 9.38
N LYS A 327 -12.58 17.31 9.56
CA LYS A 327 -12.63 17.93 10.88
C LYS A 327 -13.52 17.12 11.84
N LYS A 328 -14.75 16.88 11.42
CA LYS A 328 -15.71 16.13 12.24
C LYS A 328 -15.26 14.69 12.51
N SER A 329 -14.70 14.02 11.51
CA SER A 329 -14.24 12.63 11.68
C SER A 329 -13.15 12.48 12.74
N LYS A 330 -12.27 13.48 12.87
CA LYS A 330 -11.23 13.45 13.90
C LYS A 330 -11.76 13.68 15.32
N GLN A 331 -12.85 14.43 15.43
CA GLN A 331 -13.58 14.53 16.70
C GLN A 331 -14.32 13.23 17.04
N MET A 332 -14.88 12.57 16.01
CA MET A 332 -15.63 11.31 16.18
C MET A 332 -14.77 10.16 16.69
N ILE A 333 -13.55 10.04 16.17
CA ILE A 333 -12.65 8.98 16.61
C ILE A 333 -11.20 9.37 16.30
N LYS A 334 -10.31 9.11 17.26
CA LYS A 334 -8.89 9.42 17.17
C LYS A 334 -8.14 8.18 16.69
N MET A 335 -7.44 8.31 15.56
CA MET A 335 -6.77 7.17 14.93
C MET A 335 -5.30 7.42 14.61
N GLY A 336 -4.67 8.35 15.34
CA GLY A 336 -3.25 8.66 15.19
C GLY A 336 -2.79 9.02 13.78
N GLY A 337 -3.68 9.62 12.98
CA GLY A 337 -3.39 10.00 11.60
C GLY A 337 -3.46 8.89 10.56
N LEU A 338 -3.93 7.70 10.93
CA LEU A 338 -3.95 6.58 9.98
C LEU A 338 -4.86 6.80 8.76
N PRO A 339 -6.11 7.30 8.97
CA PRO A 339 -6.96 7.57 7.80
C PRO A 339 -6.31 8.48 6.74
N SER A 340 -5.68 9.56 7.18
N SER A 340 -5.68 9.56 7.18
CA SER A 340 -4.97 10.48 6.29
CA SER A 340 -4.97 10.48 6.28
C SER A 340 -3.79 9.80 5.59
C SER A 340 -3.78 9.79 5.58
N LEU A 341 -3.01 9.02 6.34
CA LEU A 341 -1.87 8.29 5.77
C LEU A 341 -2.32 7.30 4.69
N LEU A 342 -3.38 6.55 4.98
CA LEU A 342 -3.94 5.61 3.99
C LEU A 342 -4.41 6.31 2.72
N PHE A 343 -4.99 7.51 2.89
CA PHE A 343 -5.44 8.31 1.76
C PHE A 343 -4.26 8.69 0.88
N TYR A 344 -3.18 9.19 1.49
CA TYR A 344 -2.00 9.57 0.72
C TYR A 344 -1.28 8.37 0.12
N LEU A 345 -1.27 7.23 0.82
CA LEU A 345 -0.70 5.99 0.29
C LEU A 345 -1.48 5.52 -0.94
N ASN A 346 -2.80 5.47 -0.83
CA ASN A 346 -3.66 5.08 -1.95
C ASN A 346 -3.53 6.01 -3.16
N SER A 347 -3.41 7.32 -2.90
CA SER A 347 -3.11 8.29 -3.96
C SER A 347 -1.83 7.95 -4.72
N TRP A 348 -0.78 7.58 -3.97
CA TRP A 348 0.49 7.16 -4.57
C TRP A 348 0.36 5.89 -5.41
N ILE A 349 -0.37 4.90 -4.89
CA ILE A 349 -0.54 3.60 -5.56
C ILE A 349 -1.31 3.78 -6.89
N TYR A 350 -2.34 4.62 -6.86
CA TYR A 350 -3.12 4.99 -8.06
C TYR A 350 -2.23 5.57 -9.16
N ARG A 351 -1.41 6.56 -8.80
CA ARG A 351 -0.49 7.20 -9.75
C ARG A 351 0.48 6.21 -10.41
N ARG A 352 1.09 5.35 -9.59
CA ARG A 352 2.01 4.32 -10.07
C ARG A 352 1.22 3.15 -10.67
N VAL B 6 12.50 17.22 12.82
CA VAL B 6 12.52 16.14 11.78
C VAL B 6 11.86 14.88 12.34
N PRO B 7 10.85 14.33 11.64
CA PRO B 7 10.18 13.12 12.13
C PRO B 7 11.07 11.88 12.05
N THR B 8 11.17 11.12 13.15
CA THR B 8 12.05 9.95 13.26
C THR B 8 11.32 8.64 13.58
N GLN B 9 9.99 8.64 13.55
CA GLN B 9 9.19 7.46 13.89
C GLN B 9 8.18 7.17 12.77
N PRO B 10 7.70 5.90 12.66
CA PRO B 10 7.12 5.40 11.40
C PRO B 10 5.97 6.20 10.79
N ILE B 11 4.89 6.39 11.54
CA ILE B 11 3.66 7.00 11.00
C ILE B 11 3.87 8.45 10.53
N PRO B 12 4.42 9.34 11.39
CA PRO B 12 4.64 10.71 10.90
C PRO B 12 5.73 10.81 9.82
N LEU B 13 6.73 9.93 9.84
CA LEU B 13 7.73 9.90 8.76
C LEU B 13 7.07 9.47 7.44
N MET B 14 6.28 8.39 7.47
N MET B 14 6.30 8.39 7.49
CA MET B 14 5.51 7.98 6.30
CA MET B 14 5.49 7.95 6.34
C MET B 14 4.48 9.02 5.89
C MET B 14 4.50 9.03 5.89
N MET B 15 3.88 9.71 6.86
CA MET B 15 2.95 10.81 6.58
C MET B 15 3.65 11.93 5.81
N ASN B 16 4.81 12.35 6.29
CA ASN B 16 5.58 13.40 5.63
C ASN B 16 6.11 12.99 4.26
N ILE B 17 6.49 11.72 4.10
CA ILE B 17 6.92 11.20 2.79
C ILE B 17 5.76 11.22 1.80
N PHE B 18 4.64 10.59 2.17
CA PHE B 18 3.53 10.41 1.22
C PHE B 18 2.70 11.67 0.96
N ARG B 19 2.59 12.57 1.96
CA ARG B 19 1.88 13.84 1.76
C ARG B 19 2.74 14.92 1.10
N ASP B 20 3.97 15.09 1.58
CA ASP B 20 4.79 16.24 1.18
C ASP B 20 5.84 15.88 0.13
N VAL B 21 6.64 14.84 0.40
CA VAL B 21 7.78 14.53 -0.48
C VAL B 21 7.32 14.05 -1.86
N LEU B 22 6.50 13.00 -1.89
CA LEU B 22 6.21 12.34 -3.18
C LEU B 22 5.43 13.20 -4.17
N PRO B 23 4.39 13.92 -3.70
CA PRO B 23 3.74 14.87 -4.62
C PRO B 23 4.64 16.01 -5.12
N THR B 24 5.57 16.47 -4.29
CA THR B 24 6.55 17.48 -4.70
C THR B 24 7.50 16.90 -5.77
N VAL B 25 7.98 15.70 -5.53
CA VAL B 25 8.80 14.97 -6.52
C VAL B 25 8.04 14.85 -7.86
N HIS B 26 6.76 14.51 -7.78
CA HIS B 26 5.93 14.30 -8.99
C HIS B 26 5.71 15.58 -9.80
N ARG B 27 5.55 16.72 -9.13
CA ARG B 27 5.41 18.00 -9.81
C ARG B 27 6.56 18.23 -10.78
N TYR B 28 7.78 18.09 -10.28
CA TYR B 28 8.99 18.35 -11.08
C TYR B 28 9.35 17.19 -12.01
N TYR B 29 9.13 15.95 -11.57
CA TYR B 29 9.37 14.78 -12.43
C TYR B 29 8.46 14.81 -13.66
N ASP B 30 7.19 15.15 -13.46
CA ASP B 30 6.26 15.29 -14.58
C ASP B 30 6.68 16.39 -15.57
N GLN B 31 7.21 17.50 -15.05
CA GLN B 31 7.75 18.56 -15.92
C GLN B 31 8.87 18.05 -16.82
N TRP B 32 9.77 17.22 -16.27
CA TRP B 32 10.86 16.63 -17.06
C TRP B 32 10.38 15.66 -18.14
N LYS B 33 9.33 14.89 -17.85
CA LYS B 33 8.69 14.04 -18.87
C LYS B 33 8.27 14.84 -20.10
N GLU B 34 7.69 16.02 -19.87
CA GLU B 34 7.22 16.89 -20.96
C GLU B 34 8.34 17.41 -21.83
N ARG B 35 9.48 17.75 -21.22
CA ARG B 35 10.66 18.11 -21.99
C ARG B 35 11.21 16.92 -22.77
N ALA B 36 11.18 15.74 -22.16
CA ALA B 36 11.69 14.53 -22.82
C ALA B 36 10.91 14.18 -24.09
N LYS B 37 9.60 14.39 -24.07
CA LYS B 37 8.76 14.16 -25.25
C LYS B 37 9.14 15.06 -26.43
N SER B 38 9.68 16.24 -26.15
CA SER B 38 10.13 17.19 -27.18
C SER B 38 11.54 16.94 -27.72
N ILE B 39 12.24 15.90 -27.24
CA ILE B 39 13.60 15.57 -27.73
C ILE B 39 13.53 15.20 -29.23
N PRO B 40 14.24 15.96 -30.11
CA PRO B 40 14.18 15.65 -31.54
C PRO B 40 14.69 14.27 -31.96
N ASP B 41 15.90 13.90 -31.53
CA ASP B 41 16.47 12.60 -31.93
C ASP B 41 15.63 11.44 -31.40
N PRO B 42 15.16 10.54 -32.29
CA PRO B 42 14.23 9.51 -31.80
C PRO B 42 14.86 8.49 -30.84
N GLU B 43 16.16 8.21 -30.98
CA GLU B 43 16.83 7.28 -30.08
C GLU B 43 17.09 7.94 -28.73
N LEU B 44 17.55 9.19 -28.70
CA LEU B 44 17.70 9.92 -27.44
C LEU B 44 16.34 10.05 -26.73
N ARG B 45 15.31 10.42 -27.51
CA ARG B 45 13.94 10.53 -27.00
C ARG B 45 13.49 9.24 -26.34
N ALA B 46 13.69 8.12 -27.04
CA ALA B 46 13.28 6.80 -26.52
C ALA B 46 13.98 6.42 -25.23
N GLN B 47 15.31 6.61 -25.21
CA GLN B 47 16.12 6.29 -24.02
C GLN B 47 15.75 7.18 -22.84
N ALA B 48 15.48 8.46 -23.09
CA ALA B 48 15.08 9.39 -22.04
C ALA B 48 13.71 9.03 -21.48
N LEU B 49 12.75 8.76 -22.37
CA LEU B 49 11.40 8.33 -21.92
C LEU B 49 11.42 7.00 -21.20
N ASP B 50 12.25 6.06 -21.67
CA ASP B 50 12.38 4.76 -21.00
C ASP B 50 12.89 4.90 -19.57
N ALA B 51 13.96 5.68 -19.39
CA ALA B 51 14.50 5.96 -18.06
C ALA B 51 13.46 6.63 -17.15
N LEU B 52 12.73 7.61 -17.70
CA LEU B 52 11.68 8.31 -16.97
C LEU B 52 10.51 7.40 -16.61
N GLU B 53 10.19 6.45 -17.49
CA GLU B 53 9.12 5.50 -17.25
C GLU B 53 9.46 4.48 -16.15
N ARG B 54 10.72 4.04 -16.10
CA ARG B 54 11.11 2.90 -15.26
C ARG B 54 11.82 3.25 -13.95
N LYS B 55 12.37 4.45 -13.85
CA LYS B 55 13.27 4.79 -12.73
C LYS B 55 12.74 5.90 -11.83
N GLU B 56 11.43 6.14 -11.83
CA GLU B 56 10.85 7.18 -10.95
C GLU B 56 11.12 6.95 -9.46
N PHE B 57 11.22 5.68 -9.04
N PHE B 57 11.22 5.69 -9.03
CA PHE B 57 11.48 5.37 -7.62
CA PHE B 57 11.50 5.37 -7.63
C PHE B 57 12.82 5.90 -7.09
C PHE B 57 12.80 5.95 -7.11
N HIS B 58 13.82 6.04 -7.97
CA HIS B 58 15.10 6.67 -7.58
C HIS B 58 14.91 8.13 -7.17
N CYS B 59 14.04 8.84 -7.87
CA CYS B 59 13.76 10.25 -7.54
C CYS B 59 12.86 10.38 -6.32
N GLU B 60 11.85 9.51 -6.26
CA GLU B 60 10.94 9.46 -5.12
C GLU B 60 11.71 9.23 -3.82
N GLY B 61 12.60 8.23 -3.83
CA GLY B 61 13.47 7.95 -2.70
C GLY B 61 14.47 9.06 -2.42
N GLY B 62 15.15 9.52 -3.47
CA GLY B 62 16.09 10.64 -3.32
C GLY B 62 15.48 11.86 -2.67
N GLY B 63 14.25 12.20 -3.08
CA GLY B 63 13.54 13.38 -2.57
C GLY B 63 13.21 13.38 -1.09
N ILE B 64 13.26 12.22 -0.44
CA ILE B 64 13.01 12.11 1.01
C ILE B 64 14.01 12.93 1.83
N TYR B 65 15.22 13.11 1.30
CA TYR B 65 16.22 13.99 1.94
C TYR B 65 15.76 15.43 2.17
N GLY B 66 14.81 15.90 1.36
CA GLY B 66 14.18 17.20 1.57
C GLY B 66 13.62 17.43 2.97
N LEU B 67 13.22 16.35 3.64
CA LEU B 67 12.73 16.46 5.03
C LEU B 67 13.78 16.99 6.02
N LEU B 68 15.07 16.87 5.69
CA LEU B 68 16.16 17.44 6.49
C LEU B 68 16.44 18.93 6.23
N ALA B 69 15.81 19.51 5.21
CA ALA B 69 16.03 20.90 4.84
C ALA B 69 14.73 21.55 4.34
N ARG B 70 13.72 21.59 5.21
CA ARG B 70 12.41 22.17 4.90
C ARG B 70 12.45 23.62 4.41
N ASP B 71 13.39 24.39 4.93
CA ASP B 71 13.54 25.79 4.52
C ASP B 71 13.93 25.96 3.03
N ARG B 72 14.54 24.92 2.44
CA ARG B 72 14.86 24.88 1.00
C ARG B 72 14.27 23.63 0.31
N PHE B 73 13.08 23.20 0.74
CA PHE B 73 12.46 21.92 0.36
C PHE B 73 12.36 21.71 -1.15
N ASP B 74 11.67 22.61 -1.83
CA ASP B 74 11.41 22.50 -3.28
C ASP B 74 12.70 22.59 -4.11
N GLU B 75 13.57 23.53 -3.74
CA GLU B 75 14.87 23.71 -4.42
C GLU B 75 15.75 22.47 -4.33
N LEU B 76 15.91 21.93 -3.12
CA LEU B 76 16.74 20.74 -2.89
C LEU B 76 16.19 19.52 -3.65
N ILE B 77 14.87 19.34 -3.58
CA ILE B 77 14.19 18.28 -4.34
C ILE B 77 14.41 18.44 -5.85
N GLN B 78 14.32 19.67 -6.35
CA GLN B 78 14.57 19.92 -7.77
C GLN B 78 15.99 19.54 -8.21
N PHE B 79 16.97 19.85 -7.37
CA PHE B 79 18.35 19.44 -7.64
C PHE B 79 18.48 17.92 -7.68
N ILE B 80 17.92 17.26 -6.67
CA ILE B 80 18.04 15.80 -6.54
C ILE B 80 17.43 15.11 -7.76
N ILE B 81 16.22 15.55 -8.14
CA ILE B 81 15.51 15.02 -9.31
C ILE B 81 16.30 15.25 -10.60
N ALA B 82 16.75 16.47 -10.85
CA ALA B 82 17.53 16.74 -12.06
C ALA B 82 18.76 15.86 -12.17
N TYR B 83 19.51 15.75 -11.06
CA TYR B 83 20.74 14.96 -11.04
C TYR B 83 20.44 13.46 -11.25
N GLN B 84 19.42 12.96 -10.56
CA GLN B 84 19.06 11.54 -10.68
C GLN B 84 18.54 11.19 -12.06
N ILE B 85 17.67 12.05 -12.61
CA ILE B 85 17.20 11.88 -13.99
C ILE B 85 18.38 11.81 -14.96
N MET B 86 19.34 12.74 -14.81
CA MET B 86 20.56 12.67 -15.61
C MET B 86 21.24 11.31 -15.49
N CYS B 87 21.45 10.85 -14.26
CA CYS B 87 22.12 9.57 -14.01
C CYS B 87 21.43 8.41 -14.74
N ASP B 88 20.10 8.33 -14.62
CA ASP B 88 19.37 7.25 -15.24
C ASP B 88 19.27 7.36 -16.76
N TYR B 89 19.16 8.58 -17.28
CA TYR B 89 19.25 8.85 -18.73
C TYR B 89 20.62 8.41 -19.29
N LEU B 90 21.69 8.85 -18.65
CA LEU B 90 23.05 8.48 -19.08
C LEU B 90 23.32 6.97 -18.97
N ASP B 91 22.79 6.34 -17.93
CA ASP B 91 22.90 4.89 -17.76
C ASP B 91 22.31 4.17 -18.97
N ASN B 92 21.11 4.59 -19.37
CA ASN B 92 20.45 4.07 -20.57
C ASN B 92 21.27 4.28 -21.85
N LEU B 93 21.80 5.49 -22.02
CA LEU B 93 22.62 5.78 -23.20
C LEU B 93 23.88 4.89 -23.28
N CYS B 94 24.53 4.64 -22.15
CA CYS B 94 25.74 3.82 -22.13
C CYS B 94 25.46 2.32 -22.24
N ASP B 95 24.41 1.88 -21.56
CA ASP B 95 24.01 0.46 -21.57
C ASP B 95 23.53 0.02 -22.97
N GLN B 96 22.80 0.90 -23.65
CA GLN B 96 22.22 0.61 -24.97
C GLN B 96 23.06 1.14 -26.14
N SER B 97 24.37 1.29 -25.94
CA SER B 97 25.27 1.85 -26.94
C SER B 97 25.63 0.81 -28.02
N ASP B 98 25.53 1.21 -29.29
CA ASP B 98 25.99 0.40 -30.42
C ASP B 98 27.52 0.33 -30.47
N TYR B 99 28.18 1.43 -30.10
CA TYR B 99 29.65 1.55 -30.16
C TYR B 99 30.16 1.78 -28.75
N LEU B 100 30.87 0.79 -28.22
CA LEU B 100 31.26 0.79 -26.80
C LEU B 100 32.48 1.68 -26.54
N ASP B 101 32.35 2.98 -26.81
CA ASP B 101 33.49 3.89 -26.79
C ASP B 101 33.62 4.59 -25.45
N PRO B 102 34.71 4.34 -24.71
CA PRO B 102 34.86 5.00 -23.40
C PRO B 102 34.93 6.54 -23.47
N LYS B 103 35.38 7.11 -24.59
CA LYS B 103 35.34 8.56 -24.80
C LYS B 103 33.91 9.12 -24.76
N ASP B 104 33.00 8.40 -25.41
CA ASP B 104 31.56 8.73 -25.40
C ASP B 104 31.01 8.60 -23.97
N PHE B 105 31.32 7.49 -23.31
CA PHE B 105 30.82 7.27 -21.95
C PHE B 105 31.35 8.32 -20.99
N ARG B 106 32.63 8.67 -21.13
CA ARG B 106 33.25 9.68 -20.29
C ARG B 106 32.68 11.08 -20.55
N SER B 107 32.52 11.42 -21.82
CA SER B 107 31.95 12.72 -22.23
C SER B 107 30.56 12.93 -21.61
N LEU B 108 29.72 11.92 -21.76
CA LEU B 108 28.36 11.98 -21.20
C LEU B 108 28.40 12.22 -19.69
N HIS B 109 29.22 11.45 -18.97
CA HIS B 109 29.27 11.58 -17.51
C HIS B 109 29.94 12.84 -17.00
N ASN B 110 30.70 13.53 -17.85
CA ASN B 110 31.17 14.88 -17.51
C ASN B 110 30.04 15.90 -17.33
N ALA B 111 28.84 15.60 -17.84
CA ALA B 111 27.65 16.41 -17.55
C ALA B 111 27.33 16.46 -16.05
N LEU B 112 27.52 15.33 -15.36
CA LEU B 112 27.33 15.31 -13.90
C LEU B 112 28.29 16.23 -13.18
N LEU B 113 29.54 16.27 -13.66
CA LEU B 113 30.54 17.16 -13.08
C LEU B 113 30.15 18.62 -13.32
N ALA B 114 29.75 18.93 -14.56
CA ALA B 114 29.25 20.27 -14.91
C ALA B 114 28.10 20.72 -14.02
N ALA B 115 27.16 19.80 -13.77
CA ALA B 115 26.02 20.04 -12.90
C ALA B 115 26.41 20.49 -11.49
N LEU B 116 27.52 19.96 -10.98
CA LEU B 116 28.04 20.32 -9.65
C LEU B 116 29.11 21.42 -9.71
N THR B 117 29.22 22.11 -10.84
CA THR B 117 30.20 23.17 -11.03
C THR B 117 29.52 24.41 -11.65
N PRO B 118 28.86 25.23 -10.81
CA PRO B 118 28.34 26.52 -11.26
C PRO B 118 29.39 27.32 -12.02
N GLY B 119 28.99 27.90 -13.15
CA GLY B 119 29.90 28.63 -14.02
C GLY B 119 30.59 27.81 -15.10
N GLU B 120 30.53 26.47 -15.00
CA GLU B 120 31.20 25.62 -15.97
C GLU B 120 30.50 25.78 -17.32
N PRO B 121 31.25 26.11 -18.39
CA PRO B 121 30.62 26.21 -19.71
C PRO B 121 30.16 24.86 -20.22
N LEU B 122 29.02 24.83 -20.91
CA LEU B 122 28.44 23.56 -21.36
C LEU B 122 28.90 23.27 -22.77
N VAL B 123 29.20 22.01 -23.03
CA VAL B 123 29.74 21.57 -24.32
C VAL B 123 28.77 20.58 -24.93
N ASN B 124 29.10 20.09 -26.11
CA ASN B 124 28.36 18.99 -26.69
C ASN B 124 28.79 17.68 -26.02
N TYR B 125 28.04 17.24 -25.02
CA TYR B 125 28.36 16.00 -24.30
C TYR B 125 28.19 14.77 -25.20
N TYR B 126 27.43 14.92 -26.28
CA TYR B 126 27.20 13.86 -27.25
C TYR B 126 28.23 13.81 -28.40
N GLN B 127 29.32 14.58 -28.31
N GLN B 127 29.32 14.59 -28.29
CA GLN B 127 30.21 14.77 -29.46
CA GLN B 127 30.26 14.78 -29.40
C GLN B 127 30.93 13.52 -29.97
C GLN B 127 30.90 13.51 -29.98
N TYR B 128 30.98 12.45 -29.18
CA TYR B 128 31.57 11.17 -29.64
C TYR B 128 30.56 10.16 -30.21
N ARG B 129 29.29 10.54 -30.33
CA ARG B 129 28.27 9.65 -30.92
C ARG B 129 27.41 10.37 -31.95
N ILE B 130 26.71 9.57 -32.76
CA ILE B 130 25.81 10.12 -33.78
C ILE B 130 24.54 10.78 -33.22
N GLU B 131 24.00 10.24 -32.12
CA GLU B 131 22.77 10.79 -31.57
C GLU B 131 23.12 12.01 -30.70
N GLN B 132 22.79 13.20 -31.18
CA GLN B 132 23.15 14.46 -30.51
C GLN B 132 22.07 15.53 -30.30
N GLU B 133 21.03 15.53 -31.13
N GLU B 133 21.04 15.56 -31.14
CA GLU B 133 19.99 16.56 -31.08
CA GLU B 133 20.02 16.61 -31.06
C GLU B 133 18.96 16.25 -30.00
C GLU B 133 18.98 16.28 -30.00
N ASP B 134 19.21 16.76 -28.78
CA ASP B 134 18.28 16.57 -27.65
C ASP B 134 17.42 17.79 -27.31
N GLY B 135 17.55 18.86 -28.09
CA GLY B 135 16.80 20.10 -27.86
C GLY B 135 17.19 20.86 -26.58
N GLY B 136 18.40 20.64 -26.08
CA GLY B 136 18.85 21.22 -24.81
C GLY B 136 18.45 20.49 -23.54
N TYR B 137 17.88 19.29 -23.67
CA TYR B 137 17.42 18.48 -22.51
C TYR B 137 18.52 18.33 -21.46
N LEU B 138 19.66 17.80 -21.88
CA LEU B 138 20.79 17.56 -20.98
C LEU B 138 21.34 18.85 -20.38
N HIS B 139 21.51 19.88 -21.21
CA HIS B 139 21.92 21.20 -20.70
C HIS B 139 20.95 21.77 -19.68
N GLU B 140 19.66 21.56 -19.89
CA GLU B 140 18.64 22.05 -18.97
C GLU B 140 18.70 21.34 -17.62
N LEU B 141 18.93 20.03 -17.65
CA LEU B 141 19.19 19.28 -16.42
C LEU B 141 20.43 19.81 -15.69
N ILE B 142 21.52 20.03 -16.43
CA ILE B 142 22.76 20.53 -15.85
C ILE B 142 22.54 21.90 -15.16
N GLU B 143 21.89 22.82 -15.88
CA GLU B 143 21.70 24.19 -15.40
C GLU B 143 20.76 24.26 -14.20
N THR B 144 19.76 23.39 -14.15
CA THR B 144 18.90 23.24 -12.98
C THR B 144 19.75 23.06 -11.72
N CYS B 145 20.68 22.10 -11.79
CA CYS B 145 21.62 21.83 -10.70
C CYS B 145 22.54 23.03 -10.42
N GLN B 146 23.16 23.56 -11.46
CA GLN B 146 24.12 24.67 -11.30
C GLN B 146 23.48 25.88 -10.62
N HIS B 147 22.30 26.26 -11.11
CA HIS B 147 21.60 27.45 -10.63
C HIS B 147 21.06 27.31 -9.22
N ILE B 148 20.65 26.10 -8.84
CA ILE B 148 20.19 25.85 -7.47
C ILE B 148 21.37 25.77 -6.50
N LEU B 149 22.35 24.91 -6.80
CA LEU B 149 23.46 24.65 -5.87
C LEU B 149 24.24 25.90 -5.44
N VAL B 150 24.44 26.82 -6.38
CA VAL B 150 25.18 28.05 -6.09
C VAL B 150 24.46 28.98 -5.08
N THR B 151 23.14 28.81 -4.91
CA THR B 151 22.36 29.54 -3.91
C THR B 151 22.35 28.92 -2.51
N PHE B 152 22.95 27.73 -2.34
CA PHE B 152 23.04 27.08 -1.03
C PHE B 152 24.24 27.62 -0.25
N PRO B 153 24.02 28.11 0.99
CA PRO B 153 25.05 28.87 1.71
C PRO B 153 26.33 28.10 2.13
N SER B 154 26.28 26.76 2.18
CA SER B 154 27.49 25.96 2.41
C SER B 154 27.82 25.03 1.23
N PHE B 155 27.36 25.37 0.03
CA PHE B 155 27.68 24.58 -1.15
C PHE B 155 29.18 24.60 -1.45
N ARG B 156 29.82 25.76 -1.35
CA ARG B 156 31.24 25.85 -1.65
C ARG B 156 32.08 24.98 -0.71
N MET B 157 31.64 24.81 0.53
CA MET B 157 32.34 23.96 1.46
C MET B 157 32.26 22.46 1.12
N VAL B 158 31.10 22.02 0.61
CA VAL B 158 30.91 20.59 0.27
C VAL B 158 31.25 20.23 -1.20
N GLN B 159 31.50 21.23 -2.03
CA GLN B 159 31.62 21.04 -3.49
C GLN B 159 32.71 20.06 -3.87
N GLU B 160 33.87 20.17 -3.22
CA GLU B 160 35.01 19.29 -3.51
C GLU B 160 34.61 17.83 -3.28
N ASN B 161 33.96 17.58 -2.15
CA ASN B 161 33.49 16.24 -1.77
C ASN B 161 32.42 15.72 -2.71
N MET B 162 31.50 16.59 -3.11
CA MET B 162 30.46 16.20 -4.06
C MET B 162 31.10 15.79 -5.39
N LEU B 163 32.03 16.61 -5.88
CA LEU B 163 32.70 16.31 -7.14
C LEU B 163 33.50 15.01 -7.10
N GLU B 164 34.17 14.74 -5.99
N GLU B 164 34.17 14.73 -5.99
CA GLU B 164 34.92 13.50 -5.79
CA GLU B 164 34.92 13.47 -5.82
C GLU B 164 34.01 12.27 -5.96
C GLU B 164 34.00 12.26 -5.98
N LEU B 165 32.85 12.30 -5.31
CA LEU B 165 31.87 11.22 -5.42
C LEU B 165 31.30 11.12 -6.83
N SER B 166 30.97 12.26 -7.44
CA SER B 166 30.44 12.28 -8.81
C SER B 166 31.48 11.75 -9.83
N GLN B 167 32.73 12.13 -9.63
CA GLN B 167 33.83 11.65 -10.48
C GLN B 167 33.97 10.13 -10.41
N LEU B 168 33.99 9.58 -9.20
CA LEU B 168 34.08 8.14 -9.00
C LEU B 168 32.90 7.39 -9.62
N TYR B 169 31.68 7.89 -9.37
CA TYR B 169 30.48 7.40 -10.04
C TYR B 169 30.62 7.38 -11.56
N GLY B 170 31.04 8.50 -12.13
CA GLY B 170 31.33 8.60 -13.56
C GLY B 170 32.35 7.60 -14.05
N ASP B 171 33.49 7.51 -13.36
CA ASP B 171 34.55 6.54 -13.66
C ASP B 171 33.99 5.12 -13.77
N LEU B 172 33.19 4.74 -12.76
CA LEU B 172 32.57 3.42 -12.73
C LEU B 172 31.74 3.16 -13.98
N GLN B 173 30.92 4.13 -14.38
CA GLN B 173 30.04 3.96 -15.54
C GLN B 173 30.83 3.82 -16.84
N VAL B 174 31.96 4.51 -16.94
CA VAL B 174 32.83 4.37 -18.11
C VAL B 174 33.37 2.95 -18.16
N HIS B 175 34.02 2.52 -17.08
CA HIS B 175 34.69 1.23 -17.05
C HIS B 175 33.73 0.03 -17.16
N LYS B 176 32.54 0.16 -16.54
CA LYS B 176 31.47 -0.85 -16.59
C LYS B 176 30.99 -1.24 -17.99
N HIS B 177 30.98 -0.27 -18.92
CA HIS B 177 30.25 -0.42 -20.19
C HIS B 177 31.10 -0.70 -21.42
N VAL B 178 32.43 -0.69 -21.27
CA VAL B 178 33.32 -1.02 -22.40
C VAL B 178 33.15 -2.49 -22.79
N VAL B 179 33.78 -2.89 -23.89
CA VAL B 179 33.75 -4.29 -24.33
C VAL B 179 34.10 -5.22 -23.15
N LYS B 180 33.38 -6.34 -23.06
CA LYS B 180 33.41 -7.20 -21.85
C LYS B 180 34.79 -7.56 -21.33
N GLU B 181 35.68 -7.97 -22.23
N GLU B 181 35.67 -7.97 -22.24
CA GLU B 181 37.03 -8.40 -21.86
CA GLU B 181 37.03 -8.40 -21.89
C GLU B 181 37.93 -7.31 -21.26
C GLU B 181 37.93 -7.31 -21.27
N GLU B 182 37.63 -6.04 -21.54
CA GLU B 182 38.41 -4.90 -21.03
C GLU B 182 37.89 -4.30 -19.71
N ARG B 183 36.74 -4.78 -19.22
CA ARG B 183 36.09 -4.17 -18.04
C ARG B 183 36.90 -4.34 -16.75
N ILE B 184 37.24 -5.57 -16.43
CA ILE B 184 37.90 -5.88 -15.15
C ILE B 184 39.30 -5.24 -15.08
N PRO B 185 40.14 -5.39 -16.13
CA PRO B 185 41.42 -4.68 -16.12
C PRO B 185 41.31 -3.19 -15.83
N ARG B 186 40.35 -2.51 -16.45
CA ARG B 186 40.12 -1.08 -16.20
C ARG B 186 39.70 -0.81 -14.76
N LEU B 187 38.76 -1.62 -14.26
CA LEU B 187 38.31 -1.49 -12.87
C LEU B 187 39.44 -1.76 -11.88
N GLU B 188 40.25 -2.78 -12.15
CA GLU B 188 41.41 -3.08 -11.30
C GLU B 188 42.44 -1.95 -11.32
N ALA B 189 42.80 -1.48 -12.52
CA ALA B 189 43.74 -0.35 -12.67
C ALA B 189 43.21 0.91 -11.99
N TRP B 190 41.92 1.18 -12.17
CA TRP B 190 41.25 2.31 -11.53
C TRP B 190 41.24 2.21 -10.00
N PHE B 191 40.89 1.03 -9.47
CA PHE B 191 40.97 0.82 -8.03
C PHE B 191 42.37 1.09 -7.46
N ASN B 192 43.40 0.65 -8.19
CA ASN B 192 44.79 0.87 -7.77
C ASN B 192 45.18 2.34 -7.63
N GLU B 193 44.57 3.22 -8.42
CA GLU B 193 44.79 4.66 -8.29
C GLU B 193 44.29 5.21 -6.95
N HIS B 194 43.20 4.62 -6.44
CA HIS B 194 42.56 5.08 -5.18
C HIS B 194 42.79 4.18 -3.96
N LYS B 195 43.25 2.95 -4.20
CA LYS B 195 43.48 1.93 -3.16
C LYS B 195 44.12 2.45 -1.87
N GLU B 196 45.12 3.32 -1.98
CA GLU B 196 45.83 3.85 -0.80
C GLU B 196 45.02 4.80 0.07
N LYS B 197 44.05 5.52 -0.52
CA LYS B 197 43.16 6.42 0.23
C LYS B 197 41.98 5.70 0.87
N MET B 198 41.75 4.43 0.52
CA MET B 198 40.55 3.69 0.94
C MET B 198 40.84 2.74 2.10
N PRO B 199 39.79 2.36 2.87
CA PRO B 199 39.92 1.20 3.73
C PRO B 199 40.23 -0.06 2.92
N GLU B 200 40.69 -1.11 3.59
CA GLU B 200 41.01 -2.36 2.93
C GLU B 200 39.76 -2.96 2.27
N MET B 201 39.85 -3.19 0.97
CA MET B 201 38.78 -3.83 0.19
C MET B 201 39.33 -4.28 -1.16
N THR B 202 38.51 -4.99 -1.91
CA THR B 202 38.87 -5.43 -3.26
C THR B 202 38.37 -4.44 -4.30
N TRP B 203 38.83 -4.60 -5.54
CA TRP B 203 38.38 -3.76 -6.66
C TRP B 203 36.86 -3.81 -6.87
N PHE B 204 36.28 -4.99 -6.67
CA PHE B 204 34.84 -5.18 -6.89
C PHE B 204 33.98 -4.57 -5.78
N GLU B 205 34.47 -4.63 -4.54
CA GLU B 205 33.85 -3.89 -3.42
C GLU B 205 33.95 -2.38 -3.62
N PHE B 206 35.13 -1.89 -4.01
CA PHE B 206 35.33 -0.47 -4.31
C PHE B 206 34.36 0.03 -5.36
N SER B 207 34.21 -0.76 -6.43
CA SER B 207 33.30 -0.43 -7.51
C SER B 207 31.87 -0.24 -6.98
N ALA B 208 31.44 -1.14 -6.10
CA ALA B 208 30.14 -1.01 -5.45
C ALA B 208 30.01 0.29 -4.67
N CYS B 209 31.02 0.59 -3.88
CA CYS B 209 31.05 1.79 -3.06
C CYS B 209 30.84 3.06 -3.86
N THR B 210 31.30 3.08 -5.11
CA THR B 210 31.21 4.29 -5.94
C THR B 210 29.90 4.45 -6.74
N GLY B 211 29.06 3.42 -6.76
CA GLY B 211 27.91 3.37 -7.66
C GLY B 211 26.60 3.97 -7.17
N SER B 212 26.61 4.59 -5.98
CA SER B 212 25.42 5.20 -5.40
C SER B 212 25.48 6.72 -5.52
N THR B 213 24.31 7.36 -5.53
CA THR B 213 24.19 8.82 -5.54
C THR B 213 23.79 9.40 -4.17
N LEU B 214 23.64 8.55 -3.15
CA LEU B 214 23.17 9.02 -1.84
C LEU B 214 24.11 10.05 -1.20
N GLY B 215 25.42 9.84 -1.33
CA GLY B 215 26.42 10.77 -0.79
C GLY B 215 26.26 12.17 -1.33
N VAL B 216 26.14 12.27 -2.65
CA VAL B 216 25.87 13.53 -3.34
C VAL B 216 24.64 14.25 -2.77
N TYR B 217 23.53 13.52 -2.62
CA TYR B 217 22.28 14.14 -2.14
C TYR B 217 22.35 14.55 -0.69
N THR B 218 23.04 13.77 0.12
CA THR B 218 23.26 14.11 1.52
C THR B 218 24.12 15.37 1.65
N LEU B 219 25.19 15.45 0.86
CA LEU B 219 26.04 16.62 0.89
C LEU B 219 25.30 17.90 0.44
N ALA B 220 24.48 17.77 -0.62
CA ALA B 220 23.63 18.87 -1.08
C ALA B 220 22.58 19.29 -0.06
N THR B 221 22.00 18.31 0.64
CA THR B 221 21.07 18.57 1.74
C THR B 221 21.70 19.48 2.80
N TYR B 222 22.89 19.12 3.27
CA TYR B 222 23.57 19.89 4.33
C TYR B 222 24.27 21.15 3.81
N ALA B 223 24.46 21.24 2.50
CA ALA B 223 24.87 22.50 1.86
C ALA B 223 23.86 23.64 2.07
N THR B 224 22.59 23.30 2.32
CA THR B 224 21.55 24.30 2.61
C THR B 224 21.69 25.01 3.98
N LYS B 225 22.52 24.46 4.87
CA LYS B 225 22.75 25.02 6.21
C LYS B 225 23.85 26.07 6.17
N GLU B 226 23.70 27.12 6.96
CA GLU B 226 24.72 28.18 7.05
C GLU B 226 25.92 27.71 7.87
N GLY B 227 27.12 28.11 7.43
CA GLY B 227 28.33 28.00 8.24
C GLY B 227 28.88 26.60 8.48
N LEU B 228 28.71 25.71 7.51
CA LEU B 228 29.29 24.38 7.59
C LEU B 228 30.80 24.50 7.43
N THR B 229 31.56 23.74 8.22
CA THR B 229 33.03 23.72 8.11
C THR B 229 33.50 22.59 7.20
N SER B 230 34.78 22.65 6.81
CA SER B 230 35.39 21.59 5.99
C SER B 230 35.45 20.25 6.72
N GLU B 231 35.63 20.31 8.04
CA GLU B 231 35.67 19.11 8.90
C GLU B 231 34.29 18.47 8.96
N GLN B 232 33.26 19.31 9.11
CA GLN B 232 31.87 18.86 9.06
C GLN B 232 31.52 18.27 7.69
N ALA B 233 32.00 18.92 6.62
CA ALA B 233 31.78 18.41 5.26
C ALA B 233 32.36 17.01 5.04
N ASP B 234 33.54 16.75 5.61
CA ASP B 234 34.20 15.44 5.49
C ASP B 234 33.48 14.36 6.32
N VAL B 235 32.94 14.75 7.47
CA VAL B 235 32.13 13.83 8.30
C VAL B 235 30.87 13.39 7.55
N ILE B 236 30.23 14.34 6.88
CA ILE B 236 29.01 14.09 6.11
C ILE B 236 29.30 13.15 4.93
N LYS B 237 30.39 13.40 4.20
N LYS B 237 30.39 13.39 4.20
CA LYS B 237 30.83 12.51 3.12
CA LYS B 237 30.81 12.50 3.12
C LYS B 237 31.16 11.11 3.63
C LYS B 237 31.16 11.10 3.64
N ALA B 238 31.90 11.05 4.74
CA ALA B 238 32.30 9.77 5.36
C ALA B 238 31.12 9.01 5.93
N GLY B 239 30.05 9.72 6.28
CA GLY B 239 28.79 9.10 6.71
C GLY B 239 28.16 8.17 5.69
N TYR B 240 28.32 8.49 4.40
CA TYR B 240 27.78 7.68 3.30
C TYR B 240 28.82 6.89 2.51
N PHE B 241 30.05 7.43 2.41
CA PHE B 241 31.11 6.83 1.61
C PHE B 241 32.25 6.34 2.52
N PRO B 242 32.73 5.10 2.31
CA PRO B 242 32.38 4.09 1.29
C PRO B 242 31.22 3.16 1.65
N TRP B 243 30.91 3.05 2.94
CA TRP B 243 30.20 1.86 3.45
C TRP B 243 28.71 1.79 3.15
N VAL B 244 28.01 2.91 3.34
CA VAL B 244 26.57 2.97 3.08
C VAL B 244 26.29 2.78 1.59
N GLN B 245 27.03 3.50 0.75
CA GLN B 245 26.95 3.31 -0.70
C GLN B 245 27.30 1.87 -1.12
N GLY B 246 28.30 1.28 -0.47
CA GLY B 246 28.71 -0.10 -0.74
C GLY B 246 27.59 -1.11 -0.47
N VAL B 247 26.91 -0.96 0.67
CA VAL B 247 25.81 -1.89 1.00
C VAL B 247 24.71 -1.81 -0.06
N HIS B 248 24.32 -0.57 -0.40
CA HIS B 248 23.32 -0.25 -1.43
C HIS B 248 23.64 -1.01 -2.74
N LEU B 249 24.87 -0.88 -3.23
CA LEU B 249 25.22 -1.50 -4.51
C LEU B 249 25.53 -3.00 -4.44
N LEU B 250 26.09 -3.49 -3.33
CA LEU B 250 26.25 -4.93 -3.16
C LEU B 250 24.87 -5.63 -3.18
N LEU B 251 23.86 -5.01 -2.57
CA LEU B 251 22.47 -5.50 -2.67
C LEU B 251 21.92 -5.46 -4.08
N ASP B 252 22.24 -4.40 -4.82
CA ASP B 252 21.86 -4.28 -6.22
C ASP B 252 22.37 -5.48 -7.03
N TYR B 253 23.65 -5.78 -6.90
N TYR B 253 23.64 -5.78 -6.89
CA TYR B 253 24.27 -6.93 -7.56
CA TYR B 253 24.25 -6.92 -7.58
C TYR B 253 23.68 -8.25 -7.08
C TYR B 253 23.77 -8.27 -7.07
N PHE B 254 23.46 -8.35 -5.77
CA PHE B 254 22.87 -9.55 -5.16
C PHE B 254 21.53 -9.94 -5.80
N ILE B 255 20.66 -8.96 -6.00
CA ILE B 255 19.36 -9.18 -6.63
C ILE B 255 19.47 -9.69 -8.08
N ASP B 256 20.46 -9.19 -8.82
CA ASP B 256 20.61 -9.50 -10.25
C ASP B 256 21.44 -10.75 -10.58
N GLN B 257 21.85 -11.52 -9.57
CA GLN B 257 22.78 -12.64 -9.79
C GLN B 257 22.31 -13.65 -10.84
N GLU B 258 21.05 -14.09 -10.77
CA GLU B 258 20.55 -15.11 -11.70
C GLU B 258 20.47 -14.60 -13.13
N GLU B 259 19.96 -13.39 -13.33
CA GLU B 259 19.89 -12.80 -14.67
C GLU B 259 21.30 -12.61 -15.25
N ASP B 260 22.24 -12.16 -14.41
CA ASP B 260 23.63 -11.97 -14.84
C ASP B 260 24.32 -13.30 -15.19
N ILE B 261 24.00 -14.38 -14.48
CA ILE B 261 24.44 -15.73 -14.86
C ILE B 261 23.87 -16.08 -16.24
N ALA B 262 22.57 -15.93 -16.40
CA ALA B 262 21.88 -16.23 -17.66
C ALA B 262 22.45 -15.46 -18.86
N ASP B 263 22.73 -14.16 -18.67
CA ASP B 263 23.28 -13.30 -19.73
C ASP B 263 24.82 -13.31 -19.86
N ASP B 264 25.52 -13.97 -18.93
CA ASP B 264 26.98 -13.95 -18.84
C ASP B 264 27.48 -12.50 -18.73
N GLU B 265 26.98 -11.81 -17.71
CA GLU B 265 27.21 -10.38 -17.51
C GLU B 265 28.10 -10.08 -16.29
N LEU B 266 28.58 -8.85 -16.24
CA LEU B 266 29.43 -8.37 -15.15
C LEU B 266 28.62 -8.23 -13.86
N ASN B 267 28.87 -9.13 -12.91
CA ASN B 267 28.32 -9.04 -11.55
C ASN B 267 29.48 -9.10 -10.57
N PHE B 268 29.62 -8.04 -9.77
CA PHE B 268 30.78 -7.87 -8.89
C PHE B 268 30.86 -8.85 -7.72
N LEU B 269 29.72 -9.46 -7.35
CA LEU B 269 29.72 -10.49 -6.29
C LEU B 269 30.36 -11.81 -6.72
N PHE B 270 30.48 -12.06 -8.02
CA PHE B 270 31.05 -13.32 -8.53
C PHE B 270 32.55 -13.49 -8.29
N TYR B 271 33.24 -12.42 -7.86
CA TYR B 271 34.70 -12.45 -7.67
C TYR B 271 35.15 -12.62 -6.22
N TYR B 272 34.21 -12.77 -5.28
CA TYR B 272 34.55 -13.30 -3.96
C TYR B 272 35.02 -14.74 -4.11
N GLU B 273 35.91 -15.17 -3.23
CA GLU B 273 36.46 -16.54 -3.25
C GLU B 273 35.41 -17.61 -3.01
N ASN B 274 34.43 -17.32 -2.15
CA ASN B 274 33.32 -18.24 -1.87
C ASN B 274 32.15 -17.53 -1.21
N GLU B 275 31.03 -18.23 -1.09
CA GLU B 275 29.80 -17.69 -0.49
C GLU B 275 30.00 -17.17 0.94
N GLU B 276 30.79 -17.88 1.75
CA GLU B 276 31.03 -17.47 3.15
C GLU B 276 31.73 -16.12 3.23
N GLN B 277 32.74 -15.92 2.40
CA GLN B 277 33.48 -14.66 2.32
C GLN B 277 32.58 -13.50 1.88
N MET B 278 31.74 -13.76 0.86
CA MET B 278 30.80 -12.74 0.41
C MET B 278 29.90 -12.29 1.56
N ILE B 279 29.31 -13.25 2.27
CA ILE B 279 28.39 -12.94 3.37
C ILE B 279 29.13 -12.27 4.53
N GLU B 280 30.32 -12.76 4.87
CA GLU B 280 31.11 -12.17 5.96
C GLU B 280 31.43 -10.70 5.67
N ARG B 281 31.92 -10.43 4.47
CA ARG B 281 32.18 -9.04 4.06
C ARG B 281 30.92 -8.19 3.95
N PHE B 282 29.82 -8.74 3.48
CA PHE B 282 28.56 -8.00 3.47
C PHE B 282 28.16 -7.57 4.87
N GLN B 283 28.25 -8.50 5.83
CA GLN B 283 27.95 -8.21 7.23
C GLN B 283 28.88 -7.13 7.80
N TYR B 284 30.15 -7.19 7.42
CA TYR B 284 31.13 -6.18 7.82
C TYR B 284 30.76 -4.81 7.23
N PHE B 285 30.39 -4.79 5.96
CA PHE B 285 29.93 -3.55 5.31
C PHE B 285 28.74 -2.94 6.05
N VAL B 286 27.78 -3.79 6.44
CA VAL B 286 26.58 -3.35 7.16
C VAL B 286 26.96 -2.71 8.50
N GLN B 287 27.83 -3.38 9.27
N GLN B 287 27.82 -3.40 9.26
CA GLN B 287 28.26 -2.85 10.57
CA GLN B 287 28.33 -2.91 10.55
C GLN B 287 29.01 -1.53 10.45
C GLN B 287 29.01 -1.55 10.44
N LYS B 288 29.87 -1.41 9.44
CA LYS B 288 30.57 -0.16 9.15
C LYS B 288 29.63 0.95 8.69
N ALA B 289 28.61 0.59 7.91
CA ALA B 289 27.58 1.55 7.49
C ALA B 289 26.73 2.02 8.66
N GLU B 290 26.36 1.11 9.55
CA GLU B 290 25.67 1.47 10.79
C GLU B 290 26.51 2.48 11.56
N GLU B 291 27.78 2.16 11.75
CA GLU B 291 28.71 3.04 12.46
C GLU B 291 28.82 4.42 11.81
N SER B 292 29.00 4.47 10.48
CA SER B 292 29.17 5.75 9.79
C SER B 292 27.89 6.59 9.81
N LEU B 293 26.72 5.95 9.68
CA LEU B 293 25.45 6.68 9.75
C LEU B 293 25.22 7.34 11.12
N SER B 294 25.67 6.68 12.19
CA SER B 294 25.54 7.23 13.54
C SER B 294 26.38 8.49 13.82
N THR B 295 27.40 8.75 12.98
CA THR B 295 28.22 9.97 13.08
C THR B 295 27.57 11.20 12.45
N LEU B 296 26.47 11.00 11.71
CA LEU B 296 25.76 12.10 11.06
C LEU B 296 24.85 12.84 12.03
N PRO B 297 24.49 14.10 11.70
CA PRO B 297 23.36 14.70 12.41
C PRO B 297 22.07 14.03 11.94
N ASP B 298 21.03 14.08 12.76
CA ASP B 298 19.77 13.40 12.46
C ASP B 298 20.02 11.89 12.21
N PRO B 299 20.84 11.24 13.06
CA PRO B 299 21.29 9.86 12.78
C PRO B 299 20.17 8.82 12.59
N LYS B 300 19.06 9.00 13.31
CA LYS B 300 17.94 8.07 13.27
C LYS B 300 17.21 8.18 11.94
N PHE B 301 17.08 9.39 11.41
CA PHE B 301 16.50 9.63 10.10
C PHE B 301 17.30 8.91 9.00
N HIS B 302 18.62 9.12 8.98
CA HIS B 302 19.50 8.49 7.99
C HIS B 302 19.43 6.96 8.05
N ARG B 303 19.35 6.42 9.26
CA ARG B 303 19.22 4.97 9.44
C ARG B 303 17.91 4.46 8.85
N HIS B 304 16.81 5.17 9.10
CA HIS B 304 15.51 4.79 8.55
C HIS B 304 15.48 4.73 7.03
N ILE B 305 16.09 5.72 6.38
CA ILE B 305 16.10 5.76 4.91
C ILE B 305 16.96 4.61 4.38
N TRP B 306 18.14 4.44 4.96
CA TRP B 306 19.06 3.37 4.57
C TRP B 306 18.40 2.00 4.70
N ARG B 307 17.81 1.74 5.85
CA ARG B 307 17.13 0.46 6.10
C ARG B 307 15.84 0.29 5.31
N GLY B 308 15.18 1.39 4.97
CA GLY B 308 14.04 1.36 4.05
C GLY B 308 14.48 0.92 2.66
N ILE B 309 15.59 1.48 2.18
CA ILE B 309 16.16 1.08 0.89
C ILE B 309 16.50 -0.41 0.92
N ILE B 310 17.10 -0.88 2.01
CA ILE B 310 17.48 -2.30 2.14
C ILE B 310 16.22 -3.18 2.08
N ALA B 311 15.19 -2.83 2.83
CA ALA B 311 13.92 -3.59 2.85
C ALA B 311 13.30 -3.68 1.45
N ILE B 312 13.31 -2.56 0.73
CA ILE B 312 12.76 -2.50 -0.62
C ILE B 312 13.54 -3.42 -1.57
N TYR B 313 14.87 -3.34 -1.53
CA TYR B 313 15.72 -4.23 -2.32
C TYR B 313 15.42 -5.70 -2.01
N LEU B 314 15.41 -6.07 -0.74
CA LEU B 314 15.18 -7.46 -0.36
C LEU B 314 13.77 -7.96 -0.67
N SER B 315 12.81 -7.04 -0.81
CA SER B 315 11.43 -7.41 -1.16
C SER B 315 11.25 -7.81 -2.62
N ASP B 316 12.29 -7.60 -3.43
CA ASP B 316 12.22 -7.95 -4.85
C ASP B 316 11.87 -9.42 -5.05
N GLU B 317 10.98 -9.67 -6.02
CA GLU B 317 10.63 -11.02 -6.43
C GLU B 317 11.86 -11.92 -6.66
N LYS B 318 12.93 -11.33 -7.19
CA LYS B 318 14.17 -12.07 -7.44
C LYS B 318 14.81 -12.65 -6.17
N VAL B 319 14.61 -11.99 -5.02
CA VAL B 319 15.02 -12.54 -3.72
C VAL B 319 13.95 -13.47 -3.14
N GLN B 320 12.72 -12.95 -3.03
CA GLN B 320 11.68 -13.64 -2.26
C GLN B 320 11.21 -14.95 -2.89
N LYS B 321 11.30 -15.06 -4.21
CA LYS B 321 10.92 -16.29 -4.93
C LYS B 321 12.10 -17.19 -5.30
N ASN B 322 13.30 -16.85 -4.83
CA ASN B 322 14.50 -17.67 -5.03
C ASN B 322 14.92 -18.17 -3.66
N LYS B 323 14.82 -19.48 -3.44
CA LYS B 323 15.07 -20.04 -2.10
C LYS B 323 16.49 -19.84 -1.59
N GLU B 324 17.49 -20.00 -2.46
CA GLU B 324 18.88 -19.75 -2.06
C GLU B 324 19.16 -18.29 -1.74
N LEU B 325 18.69 -17.38 -2.59
CA LEU B 325 18.86 -15.95 -2.33
C LEU B 325 18.08 -15.50 -1.07
N LYS B 326 16.85 -15.98 -0.92
CA LYS B 326 16.10 -15.72 0.32
C LYS B 326 16.88 -16.19 1.55
N LYS B 327 17.42 -17.41 1.48
CA LYS B 327 18.20 -17.99 2.58
C LYS B 327 19.41 -17.14 2.94
N LYS B 328 20.21 -16.77 1.93
CA LYS B 328 21.38 -15.94 2.15
C LYS B 328 21.01 -14.56 2.68
N SER B 329 19.93 -13.97 2.13
CA SER B 329 19.53 -12.60 2.50
C SER B 329 19.23 -12.46 3.98
N LYS B 330 18.61 -13.49 4.57
CA LYS B 330 18.30 -13.48 6.00
C LYS B 330 19.56 -13.58 6.86
N GLN B 331 20.55 -14.31 6.37
CA GLN B 331 21.88 -14.35 6.99
C GLN B 331 22.63 -13.02 6.83
N MET B 332 22.50 -12.40 5.68
CA MET B 332 23.23 -11.16 5.34
C MET B 332 22.83 -9.96 6.21
N ILE B 333 21.55 -9.84 6.49
CA ILE B 333 21.05 -8.74 7.33
C ILE B 333 19.75 -9.08 8.04
N LYS B 334 19.60 -8.51 9.25
CA LYS B 334 18.44 -8.77 10.10
C LYS B 334 17.36 -7.74 9.86
N MET B 335 16.30 -8.15 9.17
CA MET B 335 15.27 -7.22 8.67
C MET B 335 13.85 -7.50 9.17
N GLY B 336 13.66 -8.58 9.93
CA GLY B 336 12.33 -9.02 10.32
C GLY B 336 11.50 -9.40 9.13
N GLY B 337 10.19 -9.25 9.26
CA GLY B 337 9.25 -9.63 8.21
C GLY B 337 8.91 -8.54 7.22
N LEU B 338 9.57 -7.40 7.27
CA LEU B 338 9.22 -6.29 6.36
C LEU B 338 9.46 -6.64 4.87
N PRO B 339 10.63 -7.21 4.51
CA PRO B 339 10.80 -7.54 3.09
C PRO B 339 9.71 -8.47 2.54
N SER B 340 9.31 -9.47 3.31
CA SER B 340 8.22 -10.36 2.88
C SER B 340 6.88 -9.64 2.77
N LEU B 341 6.55 -8.82 3.77
CA LEU B 341 5.34 -7.99 3.72
C LEU B 341 5.32 -7.10 2.47
N LEU B 342 6.42 -6.42 2.18
CA LEU B 342 6.50 -5.55 1.00
C LEU B 342 6.32 -6.32 -0.32
N PHE B 343 6.93 -7.50 -0.39
CA PHE B 343 6.77 -8.41 -1.52
C PHE B 343 5.31 -8.77 -1.77
N TYR B 344 4.62 -9.20 -0.72
CA TYR B 344 3.22 -9.59 -0.88
C TYR B 344 2.29 -8.42 -1.15
N LEU B 345 2.60 -7.26 -0.59
CA LEU B 345 1.84 -6.05 -0.89
C LEU B 345 1.99 -5.66 -2.37
N ASN B 346 3.22 -5.66 -2.86
CA ASN B 346 3.51 -5.43 -4.27
C ASN B 346 2.84 -6.47 -5.19
N SER B 347 2.99 -7.73 -4.84
CA SER B 347 2.37 -8.84 -5.58
C SER B 347 0.86 -8.65 -5.70
N TRP B 348 0.22 -8.16 -4.65
CA TRP B 348 -1.23 -7.91 -4.68
C TRP B 348 -1.60 -6.73 -5.58
N ILE B 349 -0.86 -5.63 -5.48
CA ILE B 349 -1.13 -4.44 -6.30
C ILE B 349 -0.92 -4.74 -7.79
N TYR B 350 0.30 -5.17 -8.12
CA TYR B 350 0.72 -5.36 -9.52
C TYR B 350 0.15 -6.61 -10.20
N ARG B 351 -0.59 -7.43 -9.44
CA ARG B 351 -1.49 -8.46 -9.97
C ARG B 351 -2.16 -8.06 -11.29
#